data_2ZR2
#
_entry.id   2ZR2
#
_cell.length_a   96.656
_cell.length_b   120.499
_cell.length_c   126.777
_cell.angle_alpha   90.00
_cell.angle_beta   90.00
_cell.angle_gamma   90.00
#
_symmetry.space_group_name_H-M   'P 21 21 21'
#
loop_
_entity.id
_entity.type
_entity.pdbx_description
1 polymer 'Seryl-tRNA synthetase'
2 non-polymer 'ADENOSINE MONOPHOSPHATE'
3 non-polymer 'SULFATE ION'
4 water water
#
_entity_poly.entity_id   1
_entity_poly.type   'polypeptide(L)'
_entity_poly.pdbx_seq_one_letter_code
;MLDIKLIRENPELVKNDLIKRGELEKVKWVDEILKLDTEWRTKLKEINRLRHERNKIAVEIGKRRKKGEPVDELLAKSRE
IVKRIGELENEVEELKKKIDYYLWRLPNITHPSVPVGKDENDNVPIRFWGKARVWKGHLERFLEQSQGKMEYEILEWKPK
LHVDLLEILGGADFARAAKVSGSRFYYLLNEIVILDLALIRFALDRLIEKGFTPVIPPYMVRRFVEEGSTSFEDFEDVIY
KVEDEDLYLIPTAEHPLAGMHANEILDGKDLPLLYVGVSPCFRKEAGTAGKDTKGIFRVHQFHKVEQFVYSRPEESWEWH
EKIIRNAEELFQELEIPYRVVNICTGDLGYVAAKKYDIEAWMPGQGKFREVVSASNCTDWQARRLNIRFRDRTDEKPRYV
HTLNSTAIATSRAIVAILENHQEEDGTVRIPKVLWKYTGFKEIVPVEKKERCCAT
;
_entity_poly.pdbx_strand_id   A,B
#
loop_
_chem_comp.id
_chem_comp.type
_chem_comp.name
_chem_comp.formula
AMP non-polymer 'ADENOSINE MONOPHOSPHATE' 'C10 H14 N5 O7 P'
SO4 non-polymer 'SULFATE ION' 'O4 S -2'
#
# COMPACT_ATOMS: atom_id res chain seq x y z
N MET A 1 -19.21 1.43 18.82
CA MET A 1 -20.46 0.83 19.37
C MET A 1 -20.87 1.44 20.70
N LEU A 2 -22.15 1.73 20.86
CA LEU A 2 -22.61 2.29 22.10
C LEU A 2 -23.03 1.20 23.07
N ASP A 3 -22.76 1.47 24.35
CA ASP A 3 -23.09 0.58 25.45
C ASP A 3 -24.60 0.58 25.71
N ILE A 4 -25.23 -0.59 25.55
CA ILE A 4 -26.67 -0.68 25.76
C ILE A 4 -27.08 -0.09 27.11
N LYS A 5 -26.20 -0.18 28.10
CA LYS A 5 -26.51 0.36 29.41
C LYS A 5 -26.80 1.85 29.32
N LEU A 6 -25.86 2.59 28.74
CA LEU A 6 -25.97 4.02 28.55
C LEU A 6 -27.29 4.43 27.89
N ILE A 7 -27.79 3.58 26.99
CA ILE A 7 -29.04 3.87 26.31
C ILE A 7 -30.21 3.56 27.22
N ARG A 8 -30.09 2.50 28.01
CA ARG A 8 -31.15 2.14 28.93
C ARG A 8 -31.27 3.22 29.99
N GLU A 9 -30.12 3.66 30.48
CA GLU A 9 -30.11 4.67 31.54
C GLU A 9 -30.01 6.14 31.14
N ASN A 10 -30.52 6.48 29.95
CA ASN A 10 -30.51 7.87 29.51
C ASN A 10 -30.86 8.13 28.06
N PRO A 11 -31.92 7.50 27.54
CA PRO A 11 -32.30 7.71 26.13
C PRO A 11 -32.36 9.17 25.68
N GLU A 12 -32.73 10.06 26.58
CA GLU A 12 -32.82 11.47 26.24
C GLU A 12 -31.44 12.01 25.95
N LEU A 13 -30.45 11.62 26.76
CA LEU A 13 -29.08 12.08 26.55
C LEU A 13 -28.59 11.69 25.17
N VAL A 14 -28.95 10.50 24.69
CA VAL A 14 -28.49 10.06 23.38
C VAL A 14 -29.28 10.72 22.26
N LYS A 15 -30.59 10.83 22.45
CA LYS A 15 -31.44 11.46 21.45
C LYS A 15 -31.01 12.91 21.19
N ASN A 16 -30.63 13.62 22.25
CA ASN A 16 -30.23 15.01 22.07
C ASN A 16 -28.84 15.11 21.46
N ASP A 17 -27.97 14.15 21.75
CA ASP A 17 -26.64 14.21 21.20
C ASP A 17 -26.78 13.90 19.73
N LEU A 18 -27.65 12.94 19.44
CA LEU A 18 -27.93 12.53 18.08
C LEU A 18 -28.40 13.73 17.28
N ILE A 19 -29.04 14.67 17.97
CA ILE A 19 -29.52 15.87 17.30
C ILE A 19 -28.38 16.89 17.16
N LYS A 20 -27.57 17.07 18.19
CA LYS A 20 -26.47 18.01 18.09
C LYS A 20 -25.57 17.58 16.92
N ARG A 21 -25.58 16.28 16.61
CA ARG A 21 -24.76 15.75 15.53
C ARG A 21 -25.43 15.87 14.17
N GLY A 22 -26.76 16.00 14.16
CA GLY A 22 -27.45 16.11 12.89
C GLY A 22 -27.96 14.77 12.41
N GLU A 23 -27.75 13.73 13.20
CA GLU A 23 -28.19 12.40 12.84
C GLU A 23 -29.65 12.23 13.19
N LEU A 24 -30.47 13.19 12.77
CA LEU A 24 -31.89 13.15 13.09
C LEU A 24 -32.65 11.89 12.69
N GLU A 25 -32.31 11.29 11.55
CA GLU A 25 -33.02 10.10 11.11
C GLU A 25 -32.71 8.89 11.99
N LYS A 26 -31.90 9.09 13.02
CA LYS A 26 -31.52 8.00 13.92
C LYS A 26 -32.00 8.11 15.37
N VAL A 27 -32.64 9.21 15.74
CA VAL A 27 -33.12 9.32 17.10
C VAL A 27 -34.22 8.26 17.33
N LYS A 28 -35.04 8.04 16.31
CA LYS A 28 -36.13 7.07 16.39
C LYS A 28 -35.58 5.71 16.79
N TRP A 29 -34.29 5.51 16.55
CA TRP A 29 -33.60 4.27 16.89
C TRP A 29 -33.55 4.03 18.40
N VAL A 30 -33.33 5.09 19.17
CA VAL A 30 -33.25 5.02 20.63
C VAL A 30 -34.43 4.23 21.18
N ASP A 31 -35.63 4.61 20.76
CA ASP A 31 -36.84 3.95 21.19
C ASP A 31 -36.80 2.51 20.72
N GLU A 32 -36.55 2.34 19.42
CA GLU A 32 -36.49 1.02 18.80
C GLU A 32 -35.57 0.10 19.57
N ILE A 33 -34.43 0.63 19.97
CA ILE A 33 -33.46 -0.13 20.73
C ILE A 33 -34.04 -0.55 22.07
N LEU A 34 -34.57 0.40 22.82
CA LEU A 34 -35.15 0.10 24.14
C LEU A 34 -36.34 -0.86 24.11
N LYS A 35 -37.21 -0.73 23.13
CA LYS A 35 -38.36 -1.63 23.09
C LYS A 35 -37.92 -3.05 22.76
N LEU A 36 -36.84 -3.18 21.99
CA LEU A 36 -36.32 -4.49 21.65
C LEU A 36 -35.64 -5.03 22.90
N ASP A 37 -34.85 -4.18 23.54
CA ASP A 37 -34.14 -4.57 24.76
C ASP A 37 -35.15 -5.07 25.76
N THR A 38 -36.27 -4.37 25.83
CA THR A 38 -37.34 -4.72 26.75
C THR A 38 -37.90 -6.09 26.42
N GLU A 39 -38.15 -6.33 25.15
CA GLU A 39 -38.69 -7.61 24.69
C GLU A 39 -37.73 -8.78 25.01
N TRP A 40 -36.44 -8.49 24.81
CA TRP A 40 -35.34 -9.42 25.05
C TRP A 40 -35.37 -9.92 26.50
N ARG A 41 -35.57 -8.98 27.43
CA ARG A 41 -35.61 -9.31 28.85
C ARG A 41 -36.87 -10.13 29.17
N THR A 42 -38.00 -9.73 28.61
CA THR A 42 -39.24 -10.43 28.87
C THR A 42 -39.14 -11.88 28.45
N LYS A 43 -38.64 -12.13 27.24
CA LYS A 43 -38.52 -13.52 26.81
C LYS A 43 -37.55 -14.32 27.68
N LEU A 44 -36.50 -13.65 28.15
CA LEU A 44 -35.51 -14.30 29.00
C LEU A 44 -36.13 -14.70 30.35
N LYS A 45 -36.93 -13.80 30.92
CA LYS A 45 -37.59 -14.07 32.20
C LYS A 45 -38.60 -15.22 32.08
N GLU A 46 -39.10 -15.43 30.87
CA GLU A 46 -40.05 -16.49 30.56
C GLU A 46 -39.27 -17.81 30.49
N ILE A 47 -38.10 -17.76 29.90
CA ILE A 47 -37.24 -18.94 29.79
C ILE A 47 -36.96 -19.42 31.21
N ASN A 48 -36.58 -18.52 32.10
CA ASN A 48 -36.33 -18.93 33.47
C ASN A 48 -37.60 -19.56 34.03
N ARG A 49 -38.70 -18.83 33.91
CA ARG A 49 -40.00 -19.29 34.39
C ARG A 49 -40.18 -20.73 33.88
N LEU A 50 -39.89 -20.93 32.59
CA LEU A 50 -40.02 -22.24 31.97
C LEU A 50 -39.02 -23.30 32.44
N ARG A 51 -37.78 -22.90 32.71
CA ARG A 51 -36.78 -23.85 33.21
C ARG A 51 -37.23 -24.37 34.58
N HIS A 52 -37.74 -23.46 35.40
CA HIS A 52 -38.24 -23.77 36.73
C HIS A 52 -39.41 -24.75 36.62
N GLU A 53 -40.23 -24.56 35.60
CA GLU A 53 -41.40 -25.41 35.38
C GLU A 53 -40.88 -26.81 35.08
N ARG A 54 -39.89 -26.85 34.21
CA ARG A 54 -39.26 -28.09 33.80
C ARG A 54 -38.96 -28.92 35.03
N ASN A 55 -38.47 -28.25 36.06
CA ASN A 55 -38.10 -28.88 37.32
C ASN A 55 -39.31 -29.45 38.06
N LYS A 56 -40.30 -28.62 38.33
CA LYS A 56 -41.49 -29.04 39.03
C LYS A 56 -42.16 -30.20 38.29
N ILE A 57 -42.37 -30.03 36.99
CA ILE A 57 -43.00 -31.11 36.23
C ILE A 57 -42.14 -32.37 36.39
N ALA A 58 -40.85 -32.18 36.66
CA ALA A 58 -39.94 -33.30 36.83
C ALA A 58 -40.14 -34.02 38.16
N VAL A 59 -40.00 -33.31 39.27
CA VAL A 59 -40.19 -33.96 40.57
C VAL A 59 -41.56 -34.61 40.64
N GLU A 60 -42.52 -34.05 39.92
CA GLU A 60 -43.87 -34.60 39.92
C GLU A 60 -43.98 -35.98 39.31
N ILE A 61 -43.59 -36.13 38.04
CA ILE A 61 -43.65 -37.43 37.39
C ILE A 61 -43.05 -38.49 38.32
N GLY A 62 -42.06 -38.08 39.11
CA GLY A 62 -41.42 -39.00 40.04
C GLY A 62 -42.32 -39.27 41.24
N LYS A 63 -42.68 -38.20 41.95
CA LYS A 63 -43.55 -38.30 43.11
C LYS A 63 -44.78 -39.16 42.78
N ARG A 64 -45.06 -39.28 41.48
CA ARG A 64 -46.21 -40.06 41.01
C ARG A 64 -45.80 -41.47 40.59
N ARG A 65 -44.50 -41.72 40.48
CA ARG A 65 -44.00 -43.03 40.10
C ARG A 65 -44.29 -44.00 41.24
N LYS A 66 -44.17 -43.51 42.47
CA LYS A 66 -44.43 -44.31 43.64
C LYS A 66 -45.94 -44.40 43.84
N LYS A 67 -46.68 -43.86 42.87
CA LYS A 67 -48.14 -43.84 42.93
C LYS A 67 -48.73 -44.41 41.64
N GLY A 68 -49.98 -44.06 41.34
CA GLY A 68 -50.64 -44.54 40.14
C GLY A 68 -49.91 -44.15 38.87
N GLU A 69 -48.99 -43.21 39.00
CA GLU A 69 -48.16 -42.70 37.91
C GLU A 69 -48.83 -42.48 36.55
N PRO A 70 -49.94 -41.74 36.50
CA PRO A 70 -50.53 -41.54 35.17
C PRO A 70 -49.79 -40.40 34.47
N VAL A 71 -48.47 -40.34 34.70
CA VAL A 71 -47.59 -39.29 34.17
C VAL A 71 -47.51 -39.15 32.64
N ASP A 72 -48.35 -39.88 31.93
CA ASP A 72 -48.37 -39.84 30.48
C ASP A 72 -48.58 -38.42 29.96
N GLU A 73 -49.31 -37.61 30.72
CA GLU A 73 -49.61 -36.24 30.36
C GLU A 73 -48.38 -35.36 30.61
N LEU A 74 -47.91 -35.34 31.86
CA LEU A 74 -46.73 -34.55 32.23
C LEU A 74 -45.57 -34.71 31.25
N LEU A 75 -45.42 -35.89 30.67
CA LEU A 75 -44.37 -36.13 29.72
C LEU A 75 -44.59 -35.27 28.48
N ALA A 76 -45.86 -35.06 28.12
CA ALA A 76 -46.18 -34.23 26.95
C ALA A 76 -46.00 -32.75 27.32
N LYS A 77 -46.32 -32.41 28.57
CA LYS A 77 -46.18 -31.04 29.01
C LYS A 77 -44.69 -30.70 29.06
N SER A 78 -43.88 -31.73 29.25
CA SER A 78 -42.42 -31.57 29.31
C SER A 78 -41.85 -31.32 27.92
N ARG A 79 -42.33 -32.07 26.95
CA ARG A 79 -41.88 -31.98 25.56
C ARG A 79 -42.17 -30.62 24.94
N GLU A 80 -43.21 -29.94 25.44
CA GLU A 80 -43.55 -28.63 24.91
C GLU A 80 -42.71 -27.55 25.61
N ILE A 81 -42.28 -27.82 26.84
CA ILE A 81 -41.49 -26.83 27.53
C ILE A 81 -40.14 -26.70 26.83
N VAL A 82 -39.49 -27.82 26.55
CA VAL A 82 -38.21 -27.75 25.85
C VAL A 82 -38.43 -27.10 24.48
N LYS A 83 -39.59 -27.33 23.88
CA LYS A 83 -39.90 -26.75 22.57
C LYS A 83 -39.98 -25.23 22.68
N ARG A 84 -40.72 -24.76 23.67
CA ARG A 84 -40.88 -23.33 23.85
C ARG A 84 -39.51 -22.73 24.16
N ILE A 85 -38.86 -23.26 25.20
CA ILE A 85 -37.54 -22.81 25.63
C ILE A 85 -36.61 -22.60 24.43
N GLY A 86 -36.57 -23.57 23.52
CA GLY A 86 -35.73 -23.44 22.36
C GLY A 86 -36.18 -22.23 21.55
N GLU A 87 -37.45 -22.22 21.17
CA GLU A 87 -38.00 -21.12 20.40
C GLU A 87 -37.63 -19.78 21.01
N LEU A 88 -37.83 -19.65 22.31
CA LEU A 88 -37.50 -18.40 22.99
C LEU A 88 -36.04 -18.06 22.81
N GLU A 89 -35.18 -19.02 23.11
CA GLU A 89 -33.75 -18.84 22.99
C GLU A 89 -33.39 -18.34 21.61
N ASN A 90 -33.92 -18.99 20.59
CA ASN A 90 -33.64 -18.53 19.26
C ASN A 90 -34.22 -17.13 19.08
N GLU A 91 -35.45 -16.93 19.54
CA GLU A 91 -36.07 -15.60 19.42
C GLU A 91 -35.21 -14.54 20.11
N VAL A 92 -34.69 -14.87 21.29
CA VAL A 92 -33.85 -13.93 22.01
C VAL A 92 -32.61 -13.65 21.17
N GLU A 93 -32.06 -14.71 20.60
CA GLU A 93 -30.88 -14.58 19.75
C GLU A 93 -31.09 -13.49 18.70
N GLU A 94 -32.14 -13.61 17.89
CA GLU A 94 -32.41 -12.62 16.85
C GLU A 94 -32.61 -11.23 17.43
N LEU A 95 -33.33 -11.16 18.53
CA LEU A 95 -33.58 -9.88 19.18
C LEU A 95 -32.27 -9.15 19.51
N LYS A 96 -31.22 -9.89 19.87
CA LYS A 96 -29.93 -9.27 20.18
C LYS A 96 -29.30 -8.72 18.91
N LYS A 97 -29.38 -9.48 17.82
CA LYS A 97 -28.79 -9.03 16.59
C LYS A 97 -29.37 -7.69 16.12
N LYS A 98 -30.66 -7.48 16.30
CA LYS A 98 -31.27 -6.23 15.88
C LYS A 98 -30.81 -5.12 16.81
N ILE A 99 -30.66 -5.44 18.08
CA ILE A 99 -30.20 -4.43 19.01
C ILE A 99 -28.78 -4.00 18.66
N ASP A 100 -27.91 -4.98 18.46
CA ASP A 100 -26.51 -4.71 18.12
C ASP A 100 -26.32 -4.00 16.79
N TYR A 101 -27.20 -4.29 15.83
CA TYR A 101 -27.12 -3.64 14.51
C TYR A 101 -27.22 -2.12 14.64
N TYR A 102 -28.09 -1.66 15.52
CA TYR A 102 -28.26 -0.23 15.74
C TYR A 102 -27.10 0.29 16.56
N LEU A 103 -26.73 -0.48 17.58
CA LEU A 103 -25.65 -0.07 18.45
C LEU A 103 -24.34 0.18 17.72
N TRP A 104 -24.05 -0.65 16.70
CA TRP A 104 -22.81 -0.51 15.95
C TRP A 104 -22.89 0.64 15.01
N ARG A 105 -24.11 1.06 14.75
CA ARG A 105 -24.35 2.16 13.84
C ARG A 105 -24.66 3.50 14.51
N LEU A 106 -24.27 3.66 15.77
CA LEU A 106 -24.51 4.91 16.48
C LEU A 106 -23.23 5.63 16.86
N PRO A 107 -23.12 6.93 16.53
CA PRO A 107 -21.93 7.72 16.85
C PRO A 107 -21.69 7.78 18.34
N ASN A 108 -20.42 7.96 18.72
CA ASN A 108 -19.99 8.06 20.11
C ASN A 108 -20.75 9.23 20.71
N ILE A 109 -20.87 9.25 22.03
CA ILE A 109 -21.55 10.36 22.69
C ILE A 109 -20.49 11.42 22.82
N THR A 110 -20.80 12.62 22.37
CA THR A 110 -19.87 13.74 22.40
C THR A 110 -19.60 14.22 23.82
N HIS A 111 -18.44 14.85 24.00
CA HIS A 111 -18.09 15.37 25.30
C HIS A 111 -18.82 16.71 25.48
N PRO A 112 -19.08 17.10 26.75
CA PRO A 112 -19.78 18.38 26.94
C PRO A 112 -18.97 19.58 26.48
N SER A 113 -17.67 19.39 26.24
CA SER A 113 -16.84 20.50 25.81
C SER A 113 -16.81 20.77 24.32
N VAL A 114 -17.48 19.95 23.52
CA VAL A 114 -17.45 20.19 22.08
C VAL A 114 -18.55 21.16 21.70
N PRO A 115 -18.17 22.25 21.02
CA PRO A 115 -19.13 23.28 20.57
C PRO A 115 -20.21 22.66 19.69
N VAL A 116 -21.39 23.26 19.66
CA VAL A 116 -22.44 22.72 18.80
C VAL A 116 -22.47 23.46 17.48
N GLY A 117 -22.60 22.73 16.39
CA GLY A 117 -22.60 23.34 15.07
C GLY A 117 -23.07 22.45 13.95
N LYS A 118 -23.16 23.03 12.77
CA LYS A 118 -23.64 22.33 11.58
C LYS A 118 -22.55 21.63 10.78
N ASP A 119 -21.42 22.32 10.61
CA ASP A 119 -20.31 21.84 9.79
C ASP A 119 -18.97 22.51 10.13
N GLU A 120 -18.01 22.41 9.20
CA GLU A 120 -16.67 22.98 9.38
C GLU A 120 -16.65 24.49 9.66
N ASN A 121 -17.71 25.20 9.29
CA ASN A 121 -17.75 26.63 9.53
C ASN A 121 -17.96 26.91 11.01
N ASP A 122 -18.51 25.93 11.72
CA ASP A 122 -18.78 26.08 13.14
C ASP A 122 -17.67 25.60 14.06
N ASN A 123 -16.61 25.02 13.50
CA ASN A 123 -15.54 24.57 14.38
C ASN A 123 -15.07 25.80 15.12
N VAL A 124 -14.52 25.61 16.31
CA VAL A 124 -14.11 26.75 17.10
C VAL A 124 -12.62 26.82 17.35
N PRO A 125 -11.97 27.88 16.85
CA PRO A 125 -10.53 28.08 17.03
C PRO A 125 -10.31 28.30 18.51
N ILE A 126 -9.35 27.61 19.10
CA ILE A 126 -9.09 27.78 20.53
C ILE A 126 -7.65 28.12 20.82
N ARG A 127 -6.85 28.29 19.79
CA ARG A 127 -5.44 28.59 20.00
C ARG A 127 -4.70 28.84 18.70
N PHE A 128 -3.71 29.75 18.74
CA PHE A 128 -2.95 30.09 17.56
C PHE A 128 -1.46 30.07 17.87
N TRP A 129 -0.63 29.92 16.84
CA TRP A 129 0.80 29.91 17.02
C TRP A 129 1.51 30.39 15.76
N GLY A 130 2.57 31.19 15.92
CA GLY A 130 3.35 31.65 14.77
C GLY A 130 3.09 33.00 14.12
N LYS A 131 4.00 33.39 13.23
CA LYS A 131 3.89 34.66 12.49
C LYS A 131 3.61 34.41 11.00
N ALA A 132 2.32 34.38 10.67
CA ALA A 132 1.90 34.14 9.29
C ALA A 132 2.35 35.19 8.32
N ARG A 133 2.70 34.70 7.13
CA ARG A 133 3.10 35.58 6.06
C ARG A 133 1.84 35.66 5.22
N VAL A 134 1.26 36.87 5.12
CA VAL A 134 0.02 37.07 4.38
C VAL A 134 0.11 38.04 3.20
N TRP A 135 -0.45 37.63 2.08
CA TRP A 135 -0.49 38.46 0.89
C TRP A 135 -1.47 39.62 1.12
N LYS A 136 -1.12 40.81 0.63
CA LYS A 136 -1.98 41.97 0.82
C LYS A 136 -3.44 41.63 0.47
N GLY A 137 -3.63 40.80 -0.54
CA GLY A 137 -4.96 40.43 -0.98
C GLY A 137 -5.74 39.43 -0.15
N HIS A 138 -5.16 38.94 0.94
CA HIS A 138 -5.84 37.96 1.81
C HIS A 138 -6.03 38.53 3.22
N LEU A 139 -5.52 39.74 3.42
CA LEU A 139 -5.57 40.40 4.72
C LEU A 139 -6.89 40.28 5.49
N GLU A 140 -8.00 40.49 4.82
CA GLU A 140 -9.25 40.38 5.56
C GLU A 140 -9.50 38.91 5.95
N ARG A 141 -9.58 38.01 4.96
CA ARG A 141 -9.85 36.60 5.26
C ARG A 141 -8.93 36.09 6.37
N PHE A 142 -7.67 36.50 6.34
CA PHE A 142 -6.77 36.06 7.39
C PHE A 142 -7.26 36.52 8.76
N LEU A 143 -7.40 37.84 8.91
CA LEU A 143 -7.84 38.46 10.17
C LEU A 143 -9.13 37.93 10.71
N GLU A 144 -10.03 37.53 9.81
CA GLU A 144 -11.31 36.97 10.23
C GLU A 144 -11.05 35.60 10.85
N GLN A 145 -10.35 34.75 10.10
CA GLN A 145 -10.05 33.39 10.55
C GLN A 145 -9.09 33.33 11.72
N SER A 146 -8.26 34.36 11.86
CA SER A 146 -7.32 34.37 12.97
C SER A 146 -7.94 35.09 14.16
N GLN A 147 -9.09 35.73 13.93
CA GLN A 147 -9.77 36.47 14.98
C GLN A 147 -8.87 37.56 15.53
N GLY A 148 -7.89 38.00 14.73
CA GLY A 148 -6.97 39.03 15.18
C GLY A 148 -5.96 38.59 16.23
N LYS A 149 -6.14 37.38 16.74
CA LYS A 149 -5.28 36.80 17.77
C LYS A 149 -3.96 36.17 17.26
N MET A 150 -3.58 36.39 16.01
CA MET A 150 -2.35 35.76 15.52
C MET A 150 -1.39 36.77 14.90
N GLU A 151 -0.10 36.60 15.19
CA GLU A 151 0.95 37.47 14.68
C GLU A 151 1.14 37.27 13.18
N TYR A 152 1.21 38.36 12.42
CA TYR A 152 1.40 38.22 10.98
C TYR A 152 2.30 39.28 10.36
N GLU A 153 2.66 39.06 9.10
CA GLU A 153 3.52 39.95 8.35
C GLU A 153 2.94 40.01 6.95
N ILE A 154 2.85 41.21 6.37
CA ILE A 154 2.29 41.34 5.04
C ILE A 154 3.34 41.03 3.99
N LEU A 155 2.90 40.51 2.85
CA LEU A 155 3.82 40.19 1.79
C LEU A 155 3.55 41.05 0.58
N GLU A 156 4.66 41.52 0.00
CA GLU A 156 4.62 42.34 -1.20
C GLU A 156 4.03 41.51 -2.33
N TRP A 157 4.89 40.60 -2.82
CA TRP A 157 4.58 39.69 -3.90
C TRP A 157 3.51 38.66 -3.52
N LYS A 158 2.89 38.06 -4.52
CA LYS A 158 1.86 37.06 -4.26
C LYS A 158 2.48 35.67 -4.09
N PRO A 159 2.29 35.04 -2.93
CA PRO A 159 2.84 33.71 -2.68
C PRO A 159 2.19 32.68 -3.58
N LYS A 160 2.98 31.75 -4.10
CA LYS A 160 2.45 30.73 -5.00
C LYS A 160 1.80 29.54 -4.30
N LEU A 161 0.98 28.80 -5.04
CA LEU A 161 0.34 27.62 -4.49
C LEU A 161 1.36 26.49 -4.53
N HIS A 162 1.19 25.51 -3.64
CA HIS A 162 2.15 24.41 -3.58
C HIS A 162 2.30 23.63 -4.89
N VAL A 163 1.19 23.43 -5.60
CA VAL A 163 1.24 22.68 -6.85
C VAL A 163 2.25 23.36 -7.81
N ASP A 164 2.17 24.68 -7.93
CA ASP A 164 3.07 25.42 -8.80
C ASP A 164 4.49 25.33 -8.30
N LEU A 165 4.65 25.38 -6.97
CA LEU A 165 5.98 25.28 -6.41
C LEU A 165 6.63 23.93 -6.75
N LEU A 166 5.92 22.83 -6.54
CA LEU A 166 6.48 21.54 -6.86
C LEU A 166 7.01 21.53 -8.28
N GLU A 167 6.31 22.26 -9.16
CA GLU A 167 6.67 22.34 -10.57
C GLU A 167 7.97 23.09 -10.82
N ILE A 168 8.07 24.30 -10.30
CA ILE A 168 9.25 25.10 -10.51
C ILE A 168 10.44 24.48 -9.75
N LEU A 169 10.09 23.64 -8.78
CA LEU A 169 11.09 22.97 -7.97
C LEU A 169 11.45 21.58 -8.51
N GLY A 170 10.84 21.20 -9.63
CA GLY A 170 11.06 19.90 -10.24
C GLY A 170 10.75 18.76 -9.27
N GLY A 171 9.83 19.01 -8.34
CA GLY A 171 9.53 18.01 -7.32
C GLY A 171 8.44 17.01 -7.54
N ALA A 172 7.78 17.02 -8.68
CA ALA A 172 6.69 16.08 -8.92
C ALA A 172 6.25 16.01 -10.37
N ASP A 173 5.58 14.93 -10.71
CA ASP A 173 5.07 14.76 -12.06
C ASP A 173 3.64 14.22 -11.90
N PHE A 174 2.67 15.09 -12.15
CA PHE A 174 1.27 14.73 -12.04
C PHE A 174 0.74 14.06 -13.30
N ALA A 175 1.12 14.60 -14.45
CA ALA A 175 0.58 14.06 -15.67
C ALA A 175 0.88 12.59 -15.86
N ARG A 176 2.11 12.19 -15.66
CA ARG A 176 2.41 10.79 -15.91
C ARG A 176 1.72 9.91 -14.89
N ALA A 177 1.45 10.47 -13.72
CA ALA A 177 0.77 9.71 -12.70
C ALA A 177 -0.67 9.45 -13.15
N ALA A 178 -1.29 10.45 -13.76
CA ALA A 178 -2.65 10.30 -14.23
C ALA A 178 -2.79 9.22 -15.30
N LYS A 179 -1.77 9.10 -16.15
CA LYS A 179 -1.74 8.12 -17.24
C LYS A 179 -1.58 6.70 -16.70
N VAL A 180 -0.77 6.58 -15.67
CA VAL A 180 -0.47 5.33 -15.03
C VAL A 180 -1.49 4.84 -14.01
N SER A 181 -2.06 5.78 -13.25
CA SER A 181 -3.00 5.42 -12.20
C SER A 181 -4.34 6.14 -12.21
N GLY A 182 -4.40 7.35 -12.74
CA GLY A 182 -5.65 8.07 -12.75
C GLY A 182 -5.46 9.37 -11.99
N SER A 183 -6.56 10.05 -11.70
CA SER A 183 -6.46 11.33 -11.01
C SER A 183 -6.23 11.17 -9.52
N ARG A 184 -5.64 12.22 -8.96
CA ARG A 184 -5.32 12.30 -7.53
C ARG A 184 -4.24 11.34 -7.03
N PHE A 185 -3.45 10.82 -7.98
CA PHE A 185 -2.28 9.97 -7.71
C PHE A 185 -1.12 10.84 -8.20
N TYR A 186 0.11 10.49 -7.87
CA TYR A 186 1.24 11.32 -8.32
C TYR A 186 2.57 10.59 -8.21
N TYR A 187 3.60 11.17 -8.83
CA TYR A 187 4.97 10.68 -8.74
C TYR A 187 5.67 11.83 -7.97
N LEU A 188 6.40 11.50 -6.92
CA LEU A 188 7.13 12.53 -6.20
C LEU A 188 8.59 12.39 -6.66
N LEU A 189 9.28 13.51 -6.86
CA LEU A 189 10.66 13.47 -7.33
C LEU A 189 11.68 14.25 -6.50
N ASN A 190 12.95 13.95 -6.76
CA ASN A 190 14.09 14.60 -6.14
C ASN A 190 13.99 15.01 -4.68
N GLU A 191 14.44 16.22 -4.38
CA GLU A 191 14.43 16.72 -3.02
C GLU A 191 13.13 16.44 -2.30
N ILE A 192 12.01 16.49 -3.01
CA ILE A 192 10.74 16.24 -2.37
C ILE A 192 10.63 14.82 -1.79
N VAL A 193 11.31 13.86 -2.40
CA VAL A 193 11.29 12.49 -1.91
C VAL A 193 12.12 12.40 -0.63
N ILE A 194 13.22 13.15 -0.57
CA ILE A 194 14.05 13.15 0.63
C ILE A 194 13.32 13.86 1.75
N LEU A 195 12.62 14.92 1.40
CA LEU A 195 11.86 15.69 2.38
C LEU A 195 10.76 14.82 2.98
N ASP A 196 10.12 14.01 2.13
CA ASP A 196 9.06 13.12 2.59
C ASP A 196 9.64 12.17 3.63
N LEU A 197 10.69 11.44 3.26
CA LEU A 197 11.29 10.50 4.21
C LEU A 197 11.76 11.22 5.45
N ALA A 198 12.35 12.39 5.26
CA ALA A 198 12.86 13.19 6.38
C ALA A 198 11.77 13.47 7.39
N LEU A 199 10.60 13.86 6.89
CA LEU A 199 9.48 14.18 7.77
C LEU A 199 9.03 12.97 8.57
N ILE A 200 9.12 11.78 8.00
CA ILE A 200 8.74 10.57 8.69
C ILE A 200 9.74 10.32 9.85
N ARG A 201 11.04 10.37 9.55
CA ARG A 201 12.03 10.17 10.60
C ARG A 201 11.92 11.19 11.72
N PHE A 202 11.84 12.47 11.36
CA PHE A 202 11.70 13.53 12.34
C PHE A 202 10.55 13.14 13.28
N ALA A 203 9.35 13.01 12.72
CA ALA A 203 8.17 12.66 13.49
C ALA A 203 8.44 11.46 14.37
N LEU A 204 8.94 10.42 13.72
CA LEU A 204 9.27 9.17 14.38
C LEU A 204 10.22 9.32 15.56
N ASP A 205 11.31 10.08 15.40
CA ASP A 205 12.27 10.27 16.49
C ASP A 205 11.67 10.92 17.73
N ARG A 206 10.92 11.98 17.51
CA ARG A 206 10.29 12.70 18.58
C ARG A 206 9.32 11.88 19.42
N LEU A 207 8.40 11.15 18.78
CA LEU A 207 7.45 10.37 19.57
C LEU A 207 8.18 9.26 20.29
N ILE A 208 9.29 8.80 19.70
CA ILE A 208 10.09 7.78 20.34
C ILE A 208 10.75 8.38 21.60
N GLU A 209 11.30 9.59 21.49
CA GLU A 209 11.89 10.25 22.66
C GLU A 209 10.81 10.41 23.74
N LYS A 210 9.55 10.59 23.35
CA LYS A 210 8.49 10.78 24.34
C LYS A 210 7.99 9.45 24.86
N GLY A 211 8.67 8.37 24.45
CA GLY A 211 8.34 7.04 24.90
C GLY A 211 7.35 6.20 24.11
N PHE A 212 7.11 6.55 22.85
CA PHE A 212 6.17 5.74 22.07
C PHE A 212 6.94 4.64 21.36
N THR A 213 6.37 3.44 21.33
CA THR A 213 7.03 2.35 20.64
C THR A 213 6.73 2.41 19.14
N PRO A 214 7.78 2.47 18.32
CA PRO A 214 7.63 2.54 16.86
C PRO A 214 7.20 1.25 16.18
N VAL A 215 6.11 1.31 15.45
CA VAL A 215 5.63 0.13 14.75
C VAL A 215 5.31 0.39 13.28
N ILE A 216 5.60 -0.60 12.44
CA ILE A 216 5.29 -0.56 11.02
C ILE A 216 4.23 -1.66 10.94
N PRO A 217 2.98 -1.28 10.68
CA PRO A 217 1.95 -2.34 10.64
C PRO A 217 1.65 -2.93 9.29
N PRO A 218 0.64 -3.80 9.24
CA PRO A 218 0.25 -4.40 7.97
C PRO A 218 -0.49 -3.26 7.22
N TYR A 219 -0.25 -3.13 5.93
CA TYR A 219 -0.92 -2.09 5.16
C TYR A 219 -2.28 -2.60 4.68
N MET A 220 -2.49 -3.91 4.77
CA MET A 220 -3.75 -4.56 4.38
C MET A 220 -4.27 -5.28 5.63
N VAL A 221 -5.56 -5.13 5.94
CA VAL A 221 -6.09 -5.81 7.11
C VAL A 221 -7.41 -6.47 6.79
N ARG A 222 -7.84 -7.33 7.72
CA ARG A 222 -9.10 -8.06 7.62
C ARG A 222 -10.28 -7.09 7.91
N ARG A 223 -11.46 -7.37 7.35
CA ARG A 223 -12.60 -6.48 7.54
C ARG A 223 -12.99 -6.09 8.97
N PHE A 224 -12.93 -7.04 9.89
CA PHE A 224 -13.32 -6.74 11.25
C PHE A 224 -12.51 -5.63 11.92
N VAL A 225 -11.28 -5.41 11.50
CA VAL A 225 -10.53 -4.33 12.14
C VAL A 225 -10.95 -2.99 11.55
N GLU A 226 -11.43 -3.00 10.31
CA GLU A 226 -11.90 -1.76 9.70
C GLU A 226 -13.25 -1.41 10.28
N GLU A 227 -14.11 -2.41 10.45
CA GLU A 227 -15.41 -2.08 11.00
C GLU A 227 -15.36 -1.86 12.50
N GLY A 228 -14.24 -2.24 13.11
CA GLY A 228 -14.11 -2.04 14.53
C GLY A 228 -13.44 -0.70 14.77
N SER A 229 -12.98 -0.05 13.70
CA SER A 229 -12.27 1.22 13.81
C SER A 229 -13.03 2.48 13.44
N THR A 230 -14.00 2.34 12.52
CA THR A 230 -14.81 3.47 12.08
C THR A 230 -16.22 3.05 11.77
N SER A 231 -17.01 3.99 11.26
CA SER A 231 -18.38 3.70 10.91
C SER A 231 -18.42 3.00 9.57
N PHE A 232 -19.44 2.18 9.38
CA PHE A 232 -19.60 1.42 8.16
C PHE A 232 -19.71 2.28 6.90
N GLU A 233 -20.03 3.56 7.07
CA GLU A 233 -20.16 4.47 5.93
C GLU A 233 -18.80 4.57 5.22
N ASP A 234 -17.74 4.35 5.98
CA ASP A 234 -16.41 4.42 5.42
C ASP A 234 -16.03 3.37 4.37
N PHE A 235 -16.69 2.21 4.39
CA PHE A 235 -16.39 1.18 3.40
C PHE A 235 -16.79 1.63 2.01
N GLU A 236 -17.75 2.53 1.94
CA GLU A 236 -18.21 3.03 0.64
C GLU A 236 -17.35 4.22 0.20
N ASP A 237 -17.19 5.17 1.10
CA ASP A 237 -16.47 6.38 0.82
C ASP A 237 -14.95 6.39 0.87
N VAL A 238 -14.36 5.68 1.81
CA VAL A 238 -12.92 5.77 1.92
C VAL A 238 -12.08 4.51 1.76
N ILE A 239 -12.58 3.38 2.23
CA ILE A 239 -11.79 2.16 2.18
C ILE A 239 -11.84 1.30 0.92
N TYR A 240 -10.65 1.00 0.40
CA TYR A 240 -10.47 0.16 -0.78
C TYR A 240 -10.40 -1.31 -0.36
N LYS A 241 -11.16 -2.16 -1.03
CA LYS A 241 -11.09 -3.55 -0.70
C LYS A 241 -10.42 -4.25 -1.88
N VAL A 242 -9.72 -5.35 -1.60
CA VAL A 242 -9.05 -6.08 -2.67
C VAL A 242 -9.94 -7.23 -3.12
N GLU A 243 -9.97 -7.49 -4.43
CA GLU A 243 -10.82 -8.57 -4.94
C GLU A 243 -10.52 -9.91 -4.30
N ASP A 244 -11.57 -10.73 -4.24
CA ASP A 244 -11.48 -12.09 -3.73
C ASP A 244 -10.74 -12.32 -2.41
N GLU A 245 -10.66 -11.31 -1.55
CA GLU A 245 -9.96 -11.49 -0.28
C GLU A 245 -10.61 -10.70 0.83
N ASP A 246 -10.40 -11.14 2.07
CA ASP A 246 -10.90 -10.41 3.21
C ASP A 246 -9.66 -9.55 3.57
N LEU A 247 -9.43 -8.53 2.76
CA LEU A 247 -8.31 -7.63 2.95
C LEU A 247 -8.72 -6.26 2.50
N TYR A 248 -8.38 -5.28 3.30
CA TYR A 248 -8.72 -3.90 3.01
C TYR A 248 -7.46 -3.06 3.17
N LEU A 249 -7.25 -2.10 2.26
CA LEU A 249 -6.08 -1.23 2.35
C LEU A 249 -6.35 -0.25 3.48
N ILE A 250 -5.43 -0.15 4.44
CA ILE A 250 -5.65 0.73 5.56
C ILE A 250 -5.60 2.20 5.14
N PRO A 251 -6.53 3.01 5.65
CA PRO A 251 -6.61 4.44 5.35
C PRO A 251 -5.75 5.25 6.32
N THR A 252 -5.23 4.56 7.33
CA THR A 252 -4.40 5.15 8.36
C THR A 252 -3.85 4.04 9.26
N ALA A 253 -2.66 4.21 9.82
CA ALA A 253 -2.08 3.17 10.65
C ALA A 253 -2.92 3.01 11.91
N GLU A 254 -3.70 4.05 12.21
CA GLU A 254 -4.60 4.03 13.35
C GLU A 254 -5.33 2.70 13.44
N HIS A 255 -5.95 2.29 12.33
CA HIS A 255 -6.73 1.06 12.27
C HIS A 255 -5.99 -0.22 12.60
N PRO A 256 -4.84 -0.50 11.96
CA PRO A 256 -4.16 -1.74 12.31
C PRO A 256 -3.61 -1.68 13.75
N LEU A 257 -3.30 -0.47 14.21
CA LEU A 257 -2.81 -0.27 15.57
C LEU A 257 -3.95 -0.61 16.53
N ALA A 258 -5.17 -0.17 16.22
CA ALA A 258 -6.30 -0.46 17.08
C ALA A 258 -6.67 -1.93 16.97
N GLY A 259 -6.32 -2.55 15.85
CA GLY A 259 -6.64 -3.95 15.70
C GLY A 259 -5.60 -4.81 16.37
N MET A 260 -4.41 -4.25 16.52
CA MET A 260 -3.30 -4.97 17.14
C MET A 260 -3.63 -5.69 18.45
N HIS A 261 -4.57 -5.17 19.24
CA HIS A 261 -4.93 -5.81 20.50
C HIS A 261 -6.41 -6.17 20.59
N ALA A 262 -7.01 -6.45 19.43
CA ALA A 262 -8.41 -6.82 19.39
C ALA A 262 -8.54 -8.15 20.15
N ASN A 263 -9.61 -8.28 20.92
CA ASN A 263 -9.90 -9.49 21.72
C ASN A 263 -8.82 -9.80 22.75
N GLU A 264 -8.48 -8.82 23.57
CA GLU A 264 -7.48 -9.03 24.60
C GLU A 264 -7.98 -8.40 25.88
N ILE A 265 -7.28 -8.68 26.96
CA ILE A 265 -7.59 -8.10 28.25
C ILE A 265 -6.21 -7.68 28.70
N LEU A 266 -5.96 -6.39 28.64
CA LEU A 266 -4.65 -5.88 29.00
C LEU A 266 -4.45 -5.86 30.51
N ASP A 267 -3.19 -5.72 30.93
CA ASP A 267 -2.89 -5.64 32.33
C ASP A 267 -2.73 -4.15 32.63
N GLY A 268 -3.59 -3.63 33.50
CA GLY A 268 -3.54 -2.22 33.86
C GLY A 268 -2.15 -1.70 34.17
N LYS A 269 -1.26 -2.58 34.63
CA LYS A 269 0.09 -2.16 34.98
C LYS A 269 0.91 -1.77 33.76
N ASP A 270 0.37 -1.98 32.57
CA ASP A 270 1.09 -1.62 31.33
C ASP A 270 0.60 -0.29 30.72
N LEU A 271 -0.69 0.00 30.89
CA LEU A 271 -1.27 1.24 30.38
C LEU A 271 -0.49 2.44 30.94
N PRO A 272 -0.36 3.51 30.13
CA PRO A 272 -0.90 3.57 28.78
C PRO A 272 0.03 2.83 27.81
N LEU A 273 -0.57 2.20 26.78
CA LEU A 273 0.23 1.54 25.76
C LEU A 273 0.42 2.64 24.73
N LEU A 274 1.67 2.98 24.44
CA LEU A 274 1.94 4.05 23.49
C LEU A 274 2.57 3.63 22.16
N TYR A 275 1.83 3.82 21.08
CA TYR A 275 2.32 3.44 19.77
C TYR A 275 2.44 4.60 18.81
N VAL A 276 3.46 4.54 17.97
CA VAL A 276 3.68 5.54 16.94
C VAL A 276 3.96 4.77 15.66
N GLY A 277 2.95 4.68 14.79
CA GLY A 277 3.13 3.95 13.55
C GLY A 277 3.43 4.78 12.30
N VAL A 278 4.00 4.12 11.29
CA VAL A 278 4.31 4.75 10.01
C VAL A 278 3.65 3.84 9.00
N SER A 279 3.05 4.41 7.96
CA SER A 279 2.44 3.58 6.94
C SER A 279 1.88 4.37 5.81
N PRO A 280 1.83 3.77 4.61
CA PRO A 280 1.23 4.57 3.54
C PRO A 280 -0.27 4.54 3.90
N CYS A 281 -1.04 5.47 3.37
CA CYS A 281 -2.47 5.49 3.65
C CYS A 281 -3.19 5.52 2.32
N PHE A 282 -4.28 4.77 2.23
CA PHE A 282 -5.05 4.69 0.99
C PHE A 282 -6.49 5.13 1.21
N ARG A 283 -6.93 6.09 0.42
CA ARG A 283 -8.31 6.61 0.55
C ARG A 283 -8.94 6.81 -0.81
N LYS A 284 -10.20 6.40 -0.93
CA LYS A 284 -10.93 6.55 -2.17
C LYS A 284 -11.25 8.01 -2.41
N GLU A 285 -11.52 8.74 -1.33
CA GLU A 285 -11.88 10.15 -1.45
C GLU A 285 -13.06 10.26 -2.41
N ALA A 286 -13.99 9.31 -2.33
CA ALA A 286 -15.16 9.26 -3.19
C ALA A 286 -16.01 10.54 -3.20
N GLY A 287 -16.25 11.11 -2.02
CA GLY A 287 -17.04 12.33 -1.93
C GLY A 287 -16.68 13.40 -2.95
N THR A 288 -15.41 13.40 -3.40
CA THR A 288 -14.94 14.34 -4.42
C THR A 288 -14.35 13.58 -5.61
N ALA A 289 -14.00 14.32 -6.65
CA ALA A 289 -13.41 13.75 -7.87
C ALA A 289 -12.60 14.91 -8.45
N GLY A 290 -12.54 15.98 -7.64
CA GLY A 290 -11.84 17.19 -8.00
C GLY A 290 -12.56 18.34 -7.34
N LYS A 291 -11.94 18.92 -6.30
CA LYS A 291 -12.55 20.04 -5.61
C LYS A 291 -11.84 21.36 -5.95
N ASP A 292 -10.59 21.54 -5.50
CA ASP A 292 -9.82 22.75 -5.79
C ASP A 292 -8.29 22.59 -5.85
N THR A 293 -7.61 22.52 -4.70
CA THR A 293 -6.14 22.35 -4.68
C THR A 293 -5.82 21.04 -5.41
N LYS A 294 -5.21 21.14 -6.60
CA LYS A 294 -4.91 19.95 -7.44
C LYS A 294 -3.52 19.27 -7.43
N GLY A 295 -2.83 19.33 -6.29
CA GLY A 295 -1.53 18.70 -6.18
C GLY A 295 -1.53 17.49 -5.25
N ILE A 296 -0.86 17.60 -4.11
CA ILE A 296 -0.79 16.50 -3.14
C ILE A 296 -1.47 16.78 -1.80
N PHE A 297 -2.46 17.67 -1.80
CA PHE A 297 -3.17 18.00 -0.58
C PHE A 297 -4.21 16.95 -0.24
N ARG A 298 -4.98 16.54 -1.24
CA ARG A 298 -6.02 15.54 -1.06
C ARG A 298 -5.85 14.49 -2.16
N VAL A 299 -5.09 13.45 -1.87
CA VAL A 299 -4.81 12.43 -2.85
C VAL A 299 -5.24 11.04 -2.40
N HIS A 300 -5.06 10.06 -3.27
CA HIS A 300 -5.41 8.69 -2.93
C HIS A 300 -4.40 7.99 -2.01
N GLN A 301 -3.11 8.37 -2.08
CA GLN A 301 -2.12 7.78 -1.19
C GLN A 301 -1.20 8.82 -0.56
N PHE A 302 -0.87 8.61 0.72
CA PHE A 302 0.06 9.49 1.43
C PHE A 302 0.66 8.74 2.60
N HIS A 303 1.79 9.24 3.07
CA HIS A 303 2.50 8.66 4.19
C HIS A 303 2.11 9.40 5.46
N LYS A 304 1.96 8.66 6.54
CA LYS A 304 1.58 9.29 7.79
C LYS A 304 2.08 8.57 9.04
N VAL A 305 2.71 9.34 9.90
CA VAL A 305 3.22 8.84 11.16
C VAL A 305 2.06 9.09 12.13
N GLU A 306 1.54 8.05 12.75
CA GLU A 306 0.39 8.22 13.64
C GLU A 306 0.62 7.88 15.10
N GLN A 307 0.02 8.67 15.99
CA GLN A 307 0.14 8.43 17.41
C GLN A 307 -1.08 7.64 17.82
N PHE A 308 -0.89 6.53 18.50
CA PHE A 308 -2.04 5.79 18.97
C PHE A 308 -1.83 5.52 20.44
N VAL A 309 -2.91 5.64 21.21
CA VAL A 309 -2.88 5.46 22.65
C VAL A 309 -4.00 4.63 23.25
N TYR A 310 -3.60 3.67 24.08
CA TYR A 310 -4.52 2.80 24.81
C TYR A 310 -4.40 3.36 26.22
N SER A 311 -5.51 3.74 26.83
CA SER A 311 -5.48 4.30 28.17
C SER A 311 -6.64 3.89 29.08
N ARG A 312 -6.50 4.20 30.36
CA ARG A 312 -7.56 3.91 31.32
C ARG A 312 -8.58 5.01 31.08
N PRO A 313 -9.86 4.69 31.21
CA PRO A 313 -10.87 5.72 30.97
C PRO A 313 -10.61 7.03 31.72
N GLU A 314 -9.96 6.93 32.88
CA GLU A 314 -9.68 8.10 33.69
C GLU A 314 -8.49 8.92 33.21
N GLU A 315 -7.75 8.38 32.24
CA GLU A 315 -6.57 9.05 31.71
C GLU A 315 -6.72 9.63 30.27
N SER A 316 -7.70 9.12 29.54
CA SER A 316 -7.92 9.52 28.16
C SER A 316 -7.88 11.01 27.86
N TRP A 317 -8.72 11.80 28.52
CA TRP A 317 -8.73 13.23 28.25
C TRP A 317 -7.36 13.89 28.45
N GLU A 318 -6.64 13.50 29.49
CA GLU A 318 -5.33 14.08 29.73
C GLU A 318 -4.40 13.71 28.56
N TRP A 319 -4.62 12.51 28.02
CA TRP A 319 -3.83 12.02 26.90
C TRP A 319 -4.22 12.73 25.61
N HIS A 320 -5.53 12.92 25.43
CA HIS A 320 -6.04 13.60 24.26
C HIS A 320 -5.30 14.91 24.18
N GLU A 321 -5.17 15.55 25.33
CA GLU A 321 -4.49 16.82 25.40
C GLU A 321 -2.99 16.70 25.15
N LYS A 322 -2.38 15.58 25.52
CA LYS A 322 -0.94 15.43 25.31
C LYS A 322 -0.58 15.19 23.85
N ILE A 323 -1.30 14.27 23.21
CA ILE A 323 -1.00 13.97 21.82
C ILE A 323 -1.18 15.17 20.90
N ILE A 324 -2.28 15.91 21.06
CA ILE A 324 -2.46 17.10 20.21
C ILE A 324 -1.25 18.07 20.34
N ARG A 325 -0.71 18.18 21.54
CA ARG A 325 0.43 19.04 21.79
C ARG A 325 1.68 18.42 21.20
N ASN A 326 1.72 17.10 21.14
CA ASN A 326 2.89 16.44 20.57
C ASN A 326 2.96 16.82 19.11
N ALA A 327 1.79 16.88 18.47
CA ALA A 327 1.71 17.24 17.06
C ALA A 327 2.04 18.71 16.89
N GLU A 328 1.54 19.54 17.81
CA GLU A 328 1.81 20.97 17.79
C GLU A 328 3.30 21.28 17.86
N GLU A 329 4.02 20.55 18.71
CA GLU A 329 5.44 20.74 18.86
C GLU A 329 6.17 20.56 17.55
N LEU A 330 5.78 19.53 16.82
CA LEU A 330 6.45 19.26 15.55
C LEU A 330 6.36 20.42 14.58
N PHE A 331 5.13 20.92 14.39
CA PHE A 331 4.92 22.02 13.46
C PHE A 331 5.59 23.31 13.89
N GLN A 332 5.72 23.50 15.19
CA GLN A 332 6.43 24.68 15.66
C GLN A 332 7.90 24.52 15.24
N GLU A 333 8.49 23.36 15.51
CA GLU A 333 9.88 23.13 15.10
C GLU A 333 10.02 23.26 13.58
N LEU A 334 8.96 22.89 12.88
CA LEU A 334 8.92 22.96 11.44
C LEU A 334 8.63 24.40 11.03
N GLU A 335 8.40 25.25 12.03
CA GLU A 335 8.13 26.67 11.83
C GLU A 335 6.92 26.90 10.93
N ILE A 336 5.83 26.22 11.26
CA ILE A 336 4.61 26.35 10.49
C ILE A 336 3.52 27.02 11.34
N PRO A 337 3.20 28.29 11.04
CA PRO A 337 2.17 28.97 11.83
C PRO A 337 0.85 28.22 11.64
N TYR A 338 0.02 28.20 12.65
CA TYR A 338 -1.23 27.45 12.57
C TYR A 338 -2.19 27.89 13.65
N ARG A 339 -3.31 27.19 13.73
CA ARG A 339 -4.32 27.45 14.74
C ARG A 339 -4.92 26.08 15.06
N VAL A 340 -5.10 25.75 16.34
CA VAL A 340 -5.70 24.46 16.62
C VAL A 340 -7.17 24.74 16.84
N VAL A 341 -8.00 23.83 16.37
CA VAL A 341 -9.45 24.00 16.42
C VAL A 341 -10.23 22.88 17.08
N ASN A 342 -11.26 23.25 17.84
CA ASN A 342 -12.11 22.25 18.46
C ASN A 342 -13.22 21.98 17.46
N ILE A 343 -13.26 20.76 16.94
CA ILE A 343 -14.27 20.40 15.98
C ILE A 343 -15.64 20.26 16.63
N CYS A 344 -16.64 20.88 16.02
CA CYS A 344 -18.00 20.85 16.55
C CYS A 344 -18.74 19.55 16.25
N THR A 345 -19.87 19.37 16.93
CA THR A 345 -20.69 18.18 16.80
C THR A 345 -20.98 17.72 15.38
N GLY A 346 -21.34 18.67 14.51
CA GLY A 346 -21.66 18.37 13.13
C GLY A 346 -20.51 18.00 12.22
N ASP A 347 -19.29 18.27 12.64
CA ASP A 347 -18.15 17.93 11.81
C ASP A 347 -17.26 16.95 12.56
N LEU A 348 -17.73 16.51 13.72
CA LEU A 348 -16.96 15.62 14.57
C LEU A 348 -16.70 14.18 14.09
N GLY A 349 -17.72 13.53 13.54
CA GLY A 349 -17.51 12.17 13.08
C GLY A 349 -18.11 11.18 14.06
N TYR A 350 -18.22 9.92 13.63
CA TYR A 350 -18.82 8.88 14.46
C TYR A 350 -17.96 8.32 15.57
N VAL A 351 -16.67 8.18 15.30
CA VAL A 351 -15.76 7.59 16.27
C VAL A 351 -15.38 8.43 17.49
N ALA A 352 -15.17 9.72 17.29
CA ALA A 352 -14.73 10.58 18.38
C ALA A 352 -15.75 11.09 19.37
N ALA A 353 -15.26 11.37 20.56
CA ALA A 353 -16.08 11.95 21.60
C ALA A 353 -15.78 13.46 21.56
N LYS A 354 -14.53 13.79 21.20
CA LYS A 354 -14.05 15.16 21.06
C LYS A 354 -12.84 15.13 20.11
N LYS A 355 -12.67 16.19 19.33
CA LYS A 355 -11.58 16.23 18.37
C LYS A 355 -10.89 17.59 18.16
N TYR A 356 -9.57 17.61 18.22
CA TYR A 356 -8.78 18.80 18.00
C TYR A 356 -8.08 18.63 16.67
N ASP A 357 -8.09 19.64 15.82
CA ASP A 357 -7.42 19.59 14.52
C ASP A 357 -6.42 20.73 14.48
N ILE A 358 -5.29 20.52 13.82
CA ILE A 358 -4.32 21.59 13.65
C ILE A 358 -4.47 22.03 12.21
N GLU A 359 -4.86 23.28 12.00
CA GLU A 359 -5.01 23.78 10.65
C GLU A 359 -3.88 24.74 10.43
N ALA A 360 -3.02 24.43 9.45
CA ALA A 360 -1.87 25.25 9.14
C ALA A 360 -2.26 26.42 8.25
N TRP A 361 -1.53 27.52 8.43
CA TRP A 361 -1.76 28.71 7.63
C TRP A 361 -1.07 28.44 6.29
N MET A 362 -1.81 28.58 5.19
CA MET A 362 -1.24 28.32 3.88
C MET A 362 -1.11 29.63 3.11
N PRO A 363 0.05 30.27 3.24
CA PRO A 363 0.32 31.55 2.56
C PRO A 363 -0.20 31.65 1.13
N GLY A 364 -0.02 30.60 0.34
CA GLY A 364 -0.46 30.62 -1.03
C GLY A 364 -1.96 30.54 -1.16
N GLN A 365 -2.58 29.66 -0.41
CA GLN A 365 -4.03 29.52 -0.49
C GLN A 365 -4.78 30.67 0.16
N GLY A 366 -4.13 31.38 1.06
CA GLY A 366 -4.80 32.46 1.75
C GLY A 366 -5.73 31.88 2.81
N LYS A 367 -5.44 30.69 3.32
CA LYS A 367 -6.30 30.11 4.35
C LYS A 367 -5.65 29.06 5.27
N PHE A 368 -6.38 28.66 6.32
CA PHE A 368 -5.90 27.64 7.23
C PHE A 368 -6.45 26.29 6.75
N ARG A 369 -5.58 25.28 6.62
CA ARG A 369 -6.06 23.97 6.17
C ARG A 369 -5.63 22.90 7.17
N GLU A 370 -6.49 21.90 7.36
CA GLU A 370 -6.17 20.82 8.30
C GLU A 370 -4.88 20.16 7.93
N VAL A 371 -4.08 19.90 8.94
CA VAL A 371 -2.81 19.27 8.73
C VAL A 371 -2.66 18.09 9.73
N VAL A 372 -3.38 18.12 10.84
CA VAL A 372 -3.36 17.00 11.80
C VAL A 372 -4.67 16.92 12.56
N SER A 373 -4.98 15.74 13.08
CA SER A 373 -6.20 15.57 13.84
C SER A 373 -6.02 14.61 15.02
N ALA A 374 -6.44 15.04 16.21
CA ALA A 374 -6.35 14.25 17.44
C ALA A 374 -7.75 13.97 17.98
N SER A 375 -8.07 12.70 18.17
CA SER A 375 -9.39 12.33 18.66
C SER A 375 -9.35 11.43 19.88
N ASN A 376 -10.29 11.64 20.80
CA ASN A 376 -10.39 10.76 21.94
C ASN A 376 -11.57 9.90 21.57
N CYS A 377 -11.33 8.60 21.41
CA CYS A 377 -12.41 7.71 21.02
C CYS A 377 -13.09 7.07 22.21
N THR A 378 -12.62 7.38 23.41
CA THR A 378 -13.14 6.80 24.65
C THR A 378 -13.21 5.27 24.49
N ASP A 379 -14.38 4.66 24.73
CA ASP A 379 -14.50 3.21 24.62
C ASP A 379 -15.19 2.72 23.36
N TRP A 380 -15.41 3.62 22.39
CA TRP A 380 -16.11 3.28 21.15
C TRP A 380 -15.45 2.18 20.33
N GLN A 381 -14.14 2.27 20.12
CA GLN A 381 -13.47 1.25 19.33
C GLN A 381 -13.34 0.01 20.20
N ALA A 382 -12.96 0.23 21.46
CA ALA A 382 -12.80 -0.88 22.40
C ALA A 382 -14.02 -1.79 22.45
N ARG A 383 -15.19 -1.23 22.67
CA ARG A 383 -16.37 -2.05 22.73
C ARG A 383 -16.50 -2.88 21.44
N ARG A 384 -16.08 -2.33 20.31
CA ARG A 384 -16.18 -3.04 19.04
C ARG A 384 -15.12 -4.13 18.91
N LEU A 385 -13.87 -3.75 19.11
CA LEU A 385 -12.76 -4.70 18.99
C LEU A 385 -12.57 -5.60 20.21
N ASN A 386 -13.38 -5.37 21.24
CA ASN A 386 -13.32 -6.12 22.50
C ASN A 386 -11.93 -5.95 23.12
N ILE A 387 -11.60 -4.71 23.47
CA ILE A 387 -10.31 -4.44 24.05
C ILE A 387 -10.53 -3.97 25.47
N ARG A 388 -10.37 -4.90 26.40
CA ARG A 388 -10.55 -4.64 27.81
C ARG A 388 -9.26 -4.74 28.58
N PHE A 389 -9.33 -4.37 29.85
CA PHE A 389 -8.18 -4.45 30.72
C PHE A 389 -8.66 -4.71 32.13
N ARG A 390 -7.76 -5.24 32.96
CA ARG A 390 -8.07 -5.53 34.35
C ARG A 390 -6.82 -5.18 35.16
N ASP A 391 -7.03 -4.76 36.41
CA ASP A 391 -5.95 -4.38 37.32
C ASP A 391 -5.69 -5.51 38.32
N ARG A 392 -6.78 -6.10 38.80
CA ARG A 392 -6.75 -7.20 39.75
C ARG A 392 -7.37 -8.41 39.04
N THR A 393 -6.53 -9.40 38.78
CA THR A 393 -6.90 -10.64 38.09
C THR A 393 -8.18 -11.37 38.52
N ASP A 394 -8.94 -10.79 39.45
CA ASP A 394 -10.16 -11.44 39.92
C ASP A 394 -11.42 -10.62 39.59
N GLU A 395 -11.22 -9.37 39.16
CA GLU A 395 -12.35 -8.49 38.84
C GLU A 395 -12.79 -8.46 37.39
N LYS A 396 -13.99 -7.92 37.18
CA LYS A 396 -14.60 -7.80 35.86
C LYS A 396 -13.79 -6.86 35.00
N PRO A 397 -13.27 -7.36 33.87
CA PRO A 397 -12.47 -6.51 32.98
C PRO A 397 -13.33 -5.39 32.38
N ARG A 398 -12.73 -4.19 32.32
CA ARG A 398 -13.39 -3.01 31.79
C ARG A 398 -12.76 -2.60 30.45
N TYR A 399 -13.54 -1.93 29.60
CA TYR A 399 -13.05 -1.46 28.32
C TYR A 399 -12.08 -0.30 28.52
N VAL A 400 -11.09 -0.24 27.65
CA VAL A 400 -10.06 0.79 27.72
C VAL A 400 -10.51 1.93 26.85
N HIS A 401 -9.71 2.99 26.83
CA HIS A 401 -10.01 4.14 25.97
C HIS A 401 -8.93 4.20 24.90
N THR A 402 -9.31 4.58 23.69
CA THR A 402 -8.33 4.66 22.62
C THR A 402 -8.25 6.07 22.12
N LEU A 403 -7.05 6.49 21.72
CA LEU A 403 -6.87 7.83 21.19
C LEU A 403 -5.91 7.76 20.03
N ASN A 404 -6.07 8.68 19.08
CA ASN A 404 -5.18 8.71 17.92
C ASN A 404 -4.98 10.15 17.52
N SER A 405 -3.83 10.41 16.89
CA SER A 405 -3.53 11.74 16.45
C SER A 405 -2.41 11.70 15.44
N THR A 406 -2.56 12.53 14.43
CA THR A 406 -1.55 12.61 13.41
C THR A 406 -0.29 13.08 14.12
N ALA A 407 0.86 12.73 13.58
CA ALA A 407 2.13 13.24 14.10
C ALA A 407 2.47 14.11 12.90
N ILE A 408 2.63 13.45 11.75
CA ILE A 408 2.88 14.13 10.51
C ILE A 408 2.42 13.27 9.34
N ALA A 409 1.62 13.87 8.48
CA ALA A 409 1.16 13.19 7.29
C ALA A 409 2.00 14.01 6.31
N THR A 410 2.99 13.37 5.72
CA THR A 410 3.90 14.05 4.82
C THR A 410 3.25 14.89 3.72
N SER A 411 2.25 14.34 3.06
CA SER A 411 1.54 15.05 1.98
C SER A 411 1.32 16.53 2.37
N ARG A 412 0.50 16.77 3.40
CA ARG A 412 0.19 18.12 3.81
C ARG A 412 1.32 18.87 4.50
N ALA A 413 2.14 18.15 5.26
CA ALA A 413 3.27 18.79 5.93
C ALA A 413 4.11 19.41 4.79
N ILE A 414 4.23 18.69 3.69
CA ILE A 414 4.97 19.17 2.55
C ILE A 414 4.31 20.38 1.91
N VAL A 415 3.00 20.38 1.77
CA VAL A 415 2.40 21.57 1.17
C VAL A 415 2.61 22.74 2.13
N ALA A 416 2.43 22.51 3.43
CA ALA A 416 2.62 23.59 4.39
C ALA A 416 4.05 24.17 4.35
N ILE A 417 5.05 23.30 4.25
CA ILE A 417 6.44 23.78 4.22
C ILE A 417 6.70 24.53 2.92
N LEU A 418 6.20 24.01 1.82
CA LEU A 418 6.40 24.64 0.51
C LEU A 418 5.73 26.02 0.46
N GLU A 419 4.53 26.12 1.01
CA GLU A 419 3.81 27.39 0.96
C GLU A 419 4.26 28.38 2.01
N ASN A 420 4.71 27.91 3.17
CA ASN A 420 5.16 28.82 4.21
C ASN A 420 6.61 29.23 4.18
N HIS A 421 7.46 28.48 3.48
CA HIS A 421 8.88 28.83 3.45
C HIS A 421 9.36 29.19 2.05
N GLN A 422 8.45 29.62 1.20
CA GLN A 422 8.83 30.00 -0.15
C GLN A 422 9.34 31.44 -0.19
N GLU A 423 10.21 31.71 -1.15
CA GLU A 423 10.76 33.05 -1.34
C GLU A 423 10.25 33.48 -2.72
N GLU A 424 10.31 34.77 -3.05
CA GLU A 424 9.80 35.25 -4.34
C GLU A 424 10.15 34.41 -5.56
N ASP A 425 11.40 33.98 -5.67
CA ASP A 425 11.81 33.21 -6.85
C ASP A 425 11.33 31.77 -6.93
N GLY A 426 10.73 31.27 -5.86
CA GLY A 426 10.25 29.90 -5.84
C GLY A 426 11.08 29.03 -4.91
N THR A 427 12.28 29.49 -4.58
CA THR A 427 13.16 28.78 -3.69
C THR A 427 12.44 28.51 -2.38
N VAL A 428 12.59 27.30 -1.87
CA VAL A 428 11.94 26.95 -0.62
C VAL A 428 12.98 26.59 0.41
N ARG A 429 13.04 27.36 1.49
CA ARG A 429 14.02 27.08 2.54
C ARG A 429 13.48 25.94 3.40
N ILE A 430 14.36 25.04 3.84
CA ILE A 430 13.93 23.93 4.69
C ILE A 430 14.14 24.29 6.14
N PRO A 431 13.12 24.07 6.99
CA PRO A 431 13.22 24.37 8.43
C PRO A 431 14.49 23.76 8.98
N LYS A 432 15.28 24.55 9.72
CA LYS A 432 16.55 24.06 10.27
C LYS A 432 16.50 22.68 10.94
N VAL A 433 15.41 22.40 11.66
CA VAL A 433 15.24 21.14 12.37
C VAL A 433 15.32 19.91 11.46
N LEU A 434 15.03 20.06 10.16
CA LEU A 434 15.08 18.93 9.22
C LEU A 434 16.41 18.74 8.51
N TRP A 435 17.32 19.70 8.69
CA TRP A 435 18.61 19.62 8.02
C TRP A 435 19.33 18.30 8.30
N LYS A 436 19.37 17.88 9.57
CA LYS A 436 20.04 16.64 9.89
C LYS A 436 19.45 15.49 9.09
N TYR A 437 18.21 15.65 8.61
CA TYR A 437 17.58 14.59 7.83
C TYR A 437 17.66 14.76 6.34
N THR A 438 17.61 16.00 5.85
CA THR A 438 17.65 16.21 4.41
C THR A 438 19.01 16.37 3.78
N GLY A 439 19.88 17.08 4.48
CA GLY A 439 21.21 17.32 3.95
C GLY A 439 21.16 18.73 3.44
N PHE A 440 20.38 18.94 2.39
CA PHE A 440 20.23 20.26 1.80
C PHE A 440 19.47 21.18 2.75
N LYS A 441 19.68 22.49 2.63
CA LYS A 441 19.01 23.46 3.51
C LYS A 441 17.86 24.19 2.82
N GLU A 442 17.76 24.01 1.51
CA GLU A 442 16.71 24.66 0.74
C GLU A 442 16.61 23.96 -0.59
N ILE A 443 15.51 24.18 -1.31
CA ILE A 443 15.33 23.58 -2.61
C ILE A 443 15.19 24.74 -3.58
N VAL A 444 16.09 24.82 -4.54
CA VAL A 444 16.01 25.91 -5.50
C VAL A 444 15.35 25.46 -6.79
N PRO A 445 14.74 26.39 -7.52
CA PRO A 445 14.10 26.00 -8.76
C PRO A 445 15.11 25.50 -9.76
N VAL A 446 14.64 24.74 -10.73
CA VAL A 446 15.50 24.21 -11.77
C VAL A 446 15.35 25.12 -12.99
N GLU A 447 16.29 25.03 -13.93
CA GLU A 447 16.25 25.86 -15.13
C GLU A 447 16.89 25.15 -16.34
N MET B 1 6.68 -8.33 -24.93
CA MET B 1 6.13 -8.74 -26.25
C MET B 1 7.21 -8.87 -27.31
N LEU B 2 7.09 -9.91 -28.11
CA LEU B 2 8.05 -10.16 -29.16
C LEU B 2 7.60 -9.48 -30.47
N ASP B 3 8.58 -8.97 -31.23
CA ASP B 3 8.35 -8.29 -32.51
C ASP B 3 7.89 -9.24 -33.64
N ILE B 4 6.76 -8.94 -34.26
CA ILE B 4 6.26 -9.79 -35.31
C ILE B 4 7.32 -9.91 -36.40
N LYS B 5 8.09 -8.85 -36.63
CA LYS B 5 9.15 -8.88 -37.65
C LYS B 5 10.20 -9.94 -37.28
N LEU B 6 10.50 -10.08 -35.98
CA LEU B 6 11.48 -11.08 -35.55
C LEU B 6 10.97 -12.48 -35.92
N ILE B 7 9.71 -12.77 -35.62
CA ILE B 7 9.13 -14.08 -35.93
C ILE B 7 9.16 -14.42 -37.42
N ARG B 8 8.87 -13.44 -38.26
CA ARG B 8 8.89 -13.65 -39.71
C ARG B 8 10.30 -13.94 -40.20
N GLU B 9 11.17 -12.96 -40.08
CA GLU B 9 12.57 -13.07 -40.52
C GLU B 9 13.41 -14.16 -39.86
N ASN B 10 13.12 -14.52 -38.62
CA ASN B 10 13.93 -15.53 -37.92
C ASN B 10 13.22 -16.54 -37.05
N PRO B 11 12.19 -17.17 -37.59
CA PRO B 11 11.45 -18.17 -36.79
C PRO B 11 12.31 -19.20 -36.08
N GLU B 12 13.35 -19.70 -36.74
CA GLU B 12 14.18 -20.72 -36.12
C GLU B 12 14.82 -20.21 -34.85
N LEU B 13 15.27 -18.96 -34.90
CA LEU B 13 15.89 -18.30 -33.76
C LEU B 13 14.98 -18.36 -32.52
N VAL B 14 13.73 -17.90 -32.66
CA VAL B 14 12.85 -17.91 -31.50
C VAL B 14 12.43 -19.32 -31.08
N LYS B 15 12.22 -20.23 -32.03
CA LYS B 15 11.87 -21.61 -31.67
C LYS B 15 12.98 -22.16 -30.78
N ASN B 16 14.22 -21.99 -31.24
CA ASN B 16 15.36 -22.45 -30.47
C ASN B 16 15.47 -21.80 -29.10
N ASP B 17 15.15 -20.52 -29.00
CA ASP B 17 15.24 -19.88 -27.68
C ASP B 17 14.18 -20.51 -26.80
N LEU B 18 13.02 -20.75 -27.38
CA LEU B 18 11.92 -21.38 -26.67
C LEU B 18 12.31 -22.77 -26.19
N ILE B 19 12.90 -23.57 -27.10
CA ILE B 19 13.30 -24.92 -26.74
C ILE B 19 14.35 -24.80 -25.64
N LYS B 20 15.25 -23.84 -25.79
CA LYS B 20 16.30 -23.64 -24.80
C LYS B 20 15.68 -23.26 -23.46
N ARG B 21 14.55 -22.56 -23.51
CA ARG B 21 13.83 -22.14 -22.30
C ARG B 21 12.97 -23.32 -21.84
N GLY B 22 12.93 -24.36 -22.68
CA GLY B 22 12.15 -25.53 -22.35
C GLY B 22 10.67 -25.21 -22.38
N GLU B 23 10.31 -24.21 -23.16
CA GLU B 23 8.92 -23.84 -23.29
C GLU B 23 8.43 -24.66 -24.46
N LEU B 24 8.67 -25.97 -24.38
CA LEU B 24 8.29 -26.92 -25.42
C LEU B 24 6.88 -26.79 -26.01
N GLU B 25 5.93 -26.26 -25.26
CA GLU B 25 4.57 -26.10 -25.78
C GLU B 25 4.46 -24.92 -26.75
N LYS B 26 4.93 -23.76 -26.31
CA LYS B 26 4.83 -22.56 -27.13
C LYS B 26 5.56 -22.59 -28.47
N VAL B 27 6.53 -23.48 -28.63
CA VAL B 27 7.27 -23.57 -29.89
C VAL B 27 6.30 -23.67 -31.10
N LYS B 28 5.16 -24.33 -30.89
CA LYS B 28 4.17 -24.48 -31.95
C LYS B 28 3.64 -23.09 -32.34
N TRP B 29 3.58 -22.18 -31.38
CA TRP B 29 3.09 -20.85 -31.67
C TRP B 29 3.86 -20.16 -32.79
N VAL B 30 5.17 -20.36 -32.85
CA VAL B 30 5.94 -19.69 -33.87
C VAL B 30 5.33 -19.93 -35.26
N ASP B 31 5.09 -21.19 -35.58
CA ASP B 31 4.53 -21.56 -36.88
C ASP B 31 3.11 -21.04 -37.03
N GLU B 32 2.33 -21.14 -35.94
CA GLU B 32 0.95 -20.69 -35.92
C GLU B 32 0.87 -19.21 -36.25
N ILE B 33 1.58 -18.37 -35.48
CA ILE B 33 1.62 -16.93 -35.71
C ILE B 33 1.99 -16.65 -37.16
N LEU B 34 2.97 -17.40 -37.65
CA LEU B 34 3.40 -17.25 -39.03
C LEU B 34 2.22 -17.51 -39.98
N LYS B 35 1.53 -18.63 -39.77
CA LYS B 35 0.38 -19.05 -40.59
C LYS B 35 -0.76 -18.02 -40.59
N LEU B 36 -1.03 -17.46 -39.42
CA LEU B 36 -2.09 -16.47 -39.29
C LEU B 36 -1.63 -15.16 -39.89
N ASP B 37 -0.38 -14.79 -39.62
CA ASP B 37 0.17 -13.54 -40.11
C ASP B 37 0.16 -13.42 -41.63
N THR B 38 0.31 -14.56 -42.31
CA THR B 38 0.33 -14.58 -43.77
C THR B 38 -1.09 -14.39 -44.30
N GLU B 39 -2.04 -15.01 -43.61
CA GLU B 39 -3.45 -14.90 -43.96
C GLU B 39 -3.83 -13.42 -43.73
N TRP B 40 -3.46 -12.93 -42.55
CA TRP B 40 -3.71 -11.55 -42.17
C TRP B 40 -3.11 -10.61 -43.20
N ARG B 41 -1.87 -10.87 -43.62
CA ARG B 41 -1.21 -10.02 -44.60
C ARG B 41 -1.85 -10.10 -45.99
N THR B 42 -2.30 -11.28 -46.35
CA THR B 42 -2.92 -11.45 -47.65
C THR B 42 -4.25 -10.72 -47.75
N LYS B 43 -5.14 -11.00 -46.79
CA LYS B 43 -6.44 -10.37 -46.79
C LYS B 43 -6.32 -8.85 -46.82
N LEU B 44 -5.25 -8.32 -46.23
CA LEU B 44 -5.01 -6.88 -46.20
C LEU B 44 -4.77 -6.42 -47.62
N LYS B 45 -4.02 -7.22 -48.36
CA LYS B 45 -3.70 -6.95 -49.77
C LYS B 45 -5.01 -7.01 -50.56
N GLU B 46 -5.76 -8.09 -50.34
CA GLU B 46 -7.07 -8.34 -50.96
C GLU B 46 -7.98 -7.11 -50.81
N ILE B 47 -8.09 -6.63 -49.58
CA ILE B 47 -8.89 -5.46 -49.26
C ILE B 47 -8.47 -4.24 -50.05
N ASN B 48 -7.17 -4.00 -50.19
CA ASN B 48 -6.73 -2.85 -50.95
C ASN B 48 -7.08 -3.04 -52.43
N ARG B 49 -6.84 -4.26 -52.92
CA ARG B 49 -7.13 -4.60 -54.30
C ARG B 49 -8.61 -4.28 -54.58
N LEU B 50 -9.48 -4.82 -53.72
CA LEU B 50 -10.92 -4.59 -53.86
C LEU B 50 -11.31 -3.12 -53.80
N ARG B 51 -10.73 -2.37 -52.88
CA ARG B 51 -11.09 -0.96 -52.81
C ARG B 51 -10.77 -0.27 -54.12
N HIS B 52 -9.56 -0.48 -54.63
CA HIS B 52 -9.16 0.15 -55.87
C HIS B 52 -10.04 -0.35 -57.01
N GLU B 53 -10.42 -1.62 -56.96
CA GLU B 53 -11.28 -2.20 -57.98
C GLU B 53 -12.68 -1.57 -57.93
N ARG B 54 -13.11 -1.21 -56.74
CA ARG B 54 -14.42 -0.62 -56.55
C ARG B 54 -14.49 0.77 -57.19
N ASN B 55 -13.38 1.51 -57.15
CA ASN B 55 -13.37 2.85 -57.72
C ASN B 55 -13.36 2.80 -59.24
N LYS B 56 -12.49 1.97 -59.79
CA LYS B 56 -12.37 1.80 -61.22
C LYS B 56 -13.74 1.39 -61.78
N ILE B 57 -14.57 0.77 -60.94
CA ILE B 57 -15.91 0.34 -61.33
C ILE B 57 -16.93 1.43 -61.04
N ALA B 58 -16.55 2.39 -60.20
CA ALA B 58 -17.43 3.50 -59.86
C ALA B 58 -17.41 4.53 -60.98
N VAL B 59 -16.21 4.75 -61.53
CA VAL B 59 -16.02 5.71 -62.62
C VAL B 59 -16.57 5.12 -63.92
N GLU B 60 -16.56 3.79 -64.03
CA GLU B 60 -17.05 3.10 -65.22
C GLU B 60 -18.56 2.95 -65.33
N ILE B 61 -19.23 2.70 -64.21
CA ILE B 61 -20.69 2.56 -64.23
C ILE B 61 -21.27 3.92 -64.58
N GLY B 62 -20.51 4.97 -64.24
CA GLY B 62 -20.94 6.33 -64.53
C GLY B 62 -20.60 6.69 -65.96
N LYS B 63 -19.65 5.94 -66.52
CA LYS B 63 -19.22 6.16 -67.90
C LYS B 63 -20.28 5.58 -68.84
N ARG B 64 -20.88 4.45 -68.47
CA ARG B 64 -21.91 3.83 -69.29
C ARG B 64 -23.20 4.64 -69.20
N ARG B 65 -23.22 5.63 -68.30
CA ARG B 65 -24.39 6.49 -68.13
C ARG B 65 -24.61 7.28 -69.42
N LYS B 66 -23.51 7.76 -69.99
CA LYS B 66 -23.54 8.51 -71.24
C LYS B 66 -23.52 7.55 -72.43
N LYS B 67 -23.80 6.27 -72.15
CA LYS B 67 -23.82 5.23 -73.18
C LYS B 67 -25.02 4.32 -72.92
N GLY B 68 -24.96 3.08 -73.42
CA GLY B 68 -26.06 2.15 -73.24
C GLY B 68 -26.40 1.88 -71.79
N GLU B 69 -25.40 2.06 -70.93
CA GLU B 69 -25.53 1.86 -69.49
C GLU B 69 -26.14 0.53 -69.03
N PRO B 70 -25.66 -0.60 -69.57
CA PRO B 70 -26.23 -1.88 -69.12
C PRO B 70 -25.58 -2.22 -67.77
N VAL B 71 -25.36 -1.18 -66.97
CA VAL B 71 -24.72 -1.25 -65.66
C VAL B 71 -25.42 -2.12 -64.61
N ASP B 72 -26.58 -2.67 -64.93
CA ASP B 72 -27.29 -3.51 -63.98
C ASP B 72 -26.44 -4.73 -63.61
N GLU B 73 -25.31 -4.87 -64.27
CA GLU B 73 -24.38 -5.98 -64.02
C GLU B 73 -23.23 -5.50 -63.19
N LEU B 74 -22.70 -4.32 -63.53
CA LEU B 74 -21.59 -3.75 -62.78
C LEU B 74 -22.10 -3.49 -61.36
N LEU B 75 -23.34 -3.02 -61.26
CA LEU B 75 -23.99 -2.71 -59.98
C LEU B 75 -23.95 -3.92 -59.07
N ALA B 76 -24.36 -5.06 -59.59
CA ALA B 76 -24.36 -6.30 -58.82
C ALA B 76 -22.95 -6.60 -58.32
N LYS B 77 -21.96 -6.21 -59.11
CA LYS B 77 -20.55 -6.43 -58.76
C LYS B 77 -20.10 -5.52 -57.62
N SER B 78 -20.36 -4.22 -57.77
CA SER B 78 -19.99 -3.25 -56.76
C SER B 78 -20.53 -3.63 -55.39
N ARG B 79 -21.62 -4.38 -55.36
CA ARG B 79 -22.22 -4.82 -54.11
C ARG B 79 -21.46 -6.03 -53.57
N GLU B 80 -20.99 -6.89 -54.47
CA GLU B 80 -20.23 -8.07 -54.06
C GLU B 80 -18.92 -7.59 -53.51
N ILE B 81 -18.38 -6.53 -54.12
CA ILE B 81 -17.13 -5.96 -53.68
C ILE B 81 -17.23 -5.44 -52.24
N VAL B 82 -18.22 -4.59 -51.95
CA VAL B 82 -18.32 -4.07 -50.59
C VAL B 82 -18.64 -5.17 -49.57
N LYS B 83 -19.29 -6.23 -50.04
CA LYS B 83 -19.62 -7.33 -49.14
C LYS B 83 -18.34 -8.04 -48.77
N ARG B 84 -17.47 -8.22 -49.75
CA ARG B 84 -16.20 -8.89 -49.56
C ARG B 84 -15.25 -8.08 -48.65
N ILE B 85 -15.18 -6.77 -48.91
CA ILE B 85 -14.33 -5.88 -48.15
C ILE B 85 -14.76 -5.96 -46.68
N GLY B 86 -16.07 -6.02 -46.45
CA GLY B 86 -16.56 -6.09 -45.10
C GLY B 86 -16.18 -7.39 -44.44
N GLU B 87 -16.38 -8.49 -45.15
CA GLU B 87 -16.06 -9.82 -44.62
C GLU B 87 -14.57 -9.92 -44.34
N LEU B 88 -13.77 -9.45 -45.28
CA LEU B 88 -12.34 -9.48 -45.11
C LEU B 88 -11.94 -8.72 -43.87
N GLU B 89 -12.37 -7.45 -43.80
CA GLU B 89 -12.05 -6.61 -42.67
C GLU B 89 -12.27 -7.25 -41.32
N ASN B 90 -13.30 -8.06 -41.19
CA ASN B 90 -13.54 -8.69 -39.89
C ASN B 90 -12.57 -9.83 -39.65
N GLU B 91 -12.26 -10.56 -40.71
CA GLU B 91 -11.33 -11.68 -40.61
C GLU B 91 -9.97 -11.14 -40.16
N VAL B 92 -9.64 -9.96 -40.65
CA VAL B 92 -8.39 -9.30 -40.30
C VAL B 92 -8.33 -9.00 -38.81
N GLU B 93 -9.35 -8.32 -38.30
CA GLU B 93 -9.38 -7.98 -36.89
C GLU B 93 -9.28 -9.23 -36.04
N GLU B 94 -10.01 -10.27 -36.43
CA GLU B 94 -9.94 -11.49 -35.67
C GLU B 94 -8.52 -12.03 -35.71
N LEU B 95 -7.94 -12.08 -36.91
CA LEU B 95 -6.58 -12.58 -37.08
C LEU B 95 -5.58 -11.83 -36.15
N LYS B 96 -5.68 -10.50 -36.14
CA LYS B 96 -4.82 -9.66 -35.30
C LYS B 96 -4.98 -10.04 -33.83
N LYS B 97 -6.19 -10.33 -33.42
CA LYS B 97 -6.44 -10.68 -32.04
C LYS B 97 -5.77 -11.99 -31.66
N LYS B 98 -5.85 -12.98 -32.54
CA LYS B 98 -5.24 -14.28 -32.25
C LYS B 98 -3.72 -14.16 -32.23
N ILE B 99 -3.19 -13.41 -33.19
CA ILE B 99 -1.75 -13.20 -33.31
C ILE B 99 -1.18 -12.47 -32.10
N ASP B 100 -1.85 -11.38 -31.69
CA ASP B 100 -1.37 -10.61 -30.53
C ASP B 100 -1.49 -11.39 -29.26
N TYR B 101 -2.49 -12.25 -29.19
CA TYR B 101 -2.68 -13.10 -28.04
C TYR B 101 -1.38 -13.90 -27.78
N TYR B 102 -0.74 -14.33 -28.86
CA TYR B 102 0.50 -15.10 -28.75
C TYR B 102 1.69 -14.18 -28.55
N LEU B 103 1.79 -13.15 -29.38
CA LEU B 103 2.89 -12.22 -29.25
C LEU B 103 3.05 -11.72 -27.81
N TRP B 104 1.93 -11.51 -27.13
CA TRP B 104 1.96 -11.03 -25.75
C TRP B 104 2.22 -12.07 -24.68
N ARG B 105 2.29 -13.34 -25.05
CA ARG B 105 2.55 -14.40 -24.07
C ARG B 105 3.85 -15.15 -24.32
N LEU B 106 4.68 -14.61 -25.20
CA LEU B 106 5.96 -15.19 -25.56
C LEU B 106 7.11 -14.60 -24.73
N PRO B 107 7.96 -15.45 -24.14
CA PRO B 107 9.08 -14.93 -23.33
C PRO B 107 10.11 -14.16 -24.14
N ASN B 108 10.87 -13.30 -23.46
CA ASN B 108 11.90 -12.53 -24.12
C ASN B 108 13.02 -13.46 -24.58
N ILE B 109 13.70 -13.07 -25.67
CA ILE B 109 14.80 -13.87 -26.20
C ILE B 109 16.00 -13.71 -25.29
N THR B 110 16.48 -14.83 -24.77
CA THR B 110 17.60 -14.83 -23.85
C THR B 110 18.89 -14.45 -24.57
N HIS B 111 19.84 -13.91 -23.80
CA HIS B 111 21.14 -13.56 -24.35
C HIS B 111 21.89 -14.89 -24.37
N PRO B 112 22.65 -15.15 -25.44
CA PRO B 112 23.40 -16.41 -25.55
C PRO B 112 24.16 -16.87 -24.33
N SER B 113 24.54 -15.95 -23.45
CA SER B 113 25.28 -16.28 -22.24
C SER B 113 24.42 -16.80 -21.08
N VAL B 114 23.11 -16.82 -21.24
CA VAL B 114 22.29 -17.34 -20.16
C VAL B 114 22.35 -18.85 -20.22
N PRO B 115 22.76 -19.49 -19.13
CA PRO B 115 22.85 -20.96 -19.11
C PRO B 115 21.53 -21.70 -19.08
N VAL B 116 21.53 -22.87 -19.73
CA VAL B 116 20.35 -23.73 -19.77
C VAL B 116 20.20 -24.41 -18.42
N GLY B 117 18.98 -24.64 -17.97
CA GLY B 117 18.79 -25.27 -16.68
C GLY B 117 17.31 -25.42 -16.35
N LYS B 118 16.98 -26.41 -15.54
CA LYS B 118 15.58 -26.67 -15.18
C LYS B 118 15.00 -25.72 -14.12
N ASP B 119 15.73 -25.46 -13.05
CA ASP B 119 15.23 -24.55 -12.01
C ASP B 119 16.40 -23.81 -11.38
N GLU B 120 16.18 -23.25 -10.20
CA GLU B 120 17.24 -22.51 -9.53
C GLU B 120 18.45 -23.35 -9.15
N ASN B 121 18.32 -24.66 -9.26
CA ASN B 121 19.43 -25.56 -8.94
C ASN B 121 20.55 -25.38 -9.96
N ASP B 122 20.17 -25.15 -11.21
CA ASP B 122 21.14 -24.98 -12.28
C ASP B 122 21.63 -23.54 -12.46
N ASN B 123 21.26 -22.66 -11.53
CA ASN B 123 21.70 -21.28 -11.61
C ASN B 123 23.20 -21.29 -11.30
N VAL B 124 23.94 -20.53 -12.08
CA VAL B 124 25.40 -20.51 -11.97
C VAL B 124 26.18 -19.41 -11.24
N PRO B 125 26.97 -19.79 -10.22
CA PRO B 125 27.76 -18.84 -9.44
C PRO B 125 28.84 -18.29 -10.35
N ILE B 126 28.97 -16.96 -10.41
CA ILE B 126 29.97 -16.36 -11.26
C ILE B 126 30.90 -15.49 -10.46
N ARG B 127 30.67 -15.41 -9.15
CA ARG B 127 31.49 -14.53 -8.34
C ARG B 127 31.09 -14.61 -6.84
N PHE B 128 32.07 -14.46 -5.95
CA PHE B 128 31.76 -14.53 -4.52
C PHE B 128 32.37 -13.34 -3.83
N TRP B 129 31.97 -13.11 -2.60
CA TRP B 129 32.49 -11.97 -1.83
C TRP B 129 32.24 -12.10 -0.34
N GLY B 130 33.22 -11.68 0.44
CA GLY B 130 33.08 -11.72 1.89
C GLY B 130 33.51 -12.99 2.57
N LYS B 131 33.61 -12.91 3.90
CA LYS B 131 34.00 -14.04 4.70
C LYS B 131 32.78 -14.51 5.47
N ALA B 132 32.27 -15.69 5.10
CA ALA B 132 31.07 -16.27 5.73
C ALA B 132 31.33 -16.94 7.06
N ARG B 133 30.39 -16.77 7.97
CA ARG B 133 30.48 -17.41 9.28
C ARG B 133 29.60 -18.60 9.04
N VAL B 134 30.15 -19.78 9.19
CA VAL B 134 29.42 -21.02 8.95
C VAL B 134 29.34 -21.94 10.17
N TRP B 135 28.14 -22.44 10.45
CA TRP B 135 27.95 -23.37 11.56
C TRP B 135 28.57 -24.69 11.14
N LYS B 136 29.22 -25.40 12.05
CA LYS B 136 29.82 -26.68 11.69
C LYS B 136 28.78 -27.62 11.03
N GLY B 137 27.56 -27.65 11.59
CA GLY B 137 26.52 -28.50 11.01
C GLY B 137 26.08 -28.15 9.60
N HIS B 138 26.57 -27.01 9.08
CA HIS B 138 26.21 -26.56 7.74
C HIS B 138 27.37 -26.61 6.76
N LEU B 139 28.53 -27.07 7.22
CA LEU B 139 29.74 -27.12 6.41
C LEU B 139 29.61 -27.70 5.00
N GLU B 140 28.91 -28.81 4.86
CA GLU B 140 28.79 -29.40 3.54
C GLU B 140 28.05 -28.51 2.55
N ARG B 141 26.86 -28.09 2.95
CA ARG B 141 26.02 -27.24 2.12
C ARG B 141 26.79 -25.95 1.81
N PHE B 142 27.46 -25.39 2.81
CA PHE B 142 28.22 -24.18 2.58
C PHE B 142 29.29 -24.36 1.51
N LEU B 143 30.12 -25.39 1.63
CA LEU B 143 31.18 -25.63 0.63
C LEU B 143 30.54 -25.97 -0.70
N GLU B 144 29.43 -26.69 -0.62
CA GLU B 144 28.66 -27.09 -1.78
C GLU B 144 28.29 -25.85 -2.60
N GLN B 145 27.56 -24.93 -1.98
CA GLN B 145 27.14 -23.69 -2.65
C GLN B 145 28.25 -22.64 -2.84
N SER B 146 29.30 -22.73 -2.03
CA SER B 146 30.40 -21.77 -2.14
C SER B 146 31.45 -22.27 -3.13
N GLN B 147 31.36 -23.53 -3.52
CA GLN B 147 32.33 -24.12 -4.43
C GLN B 147 33.72 -24.10 -3.79
N GLY B 148 33.78 -23.82 -2.50
CA GLY B 148 35.08 -23.72 -1.85
C GLY B 148 35.90 -22.59 -2.44
N LYS B 149 35.24 -21.54 -2.92
CA LYS B 149 35.95 -20.39 -3.49
C LYS B 149 35.76 -19.17 -2.61
N MET B 150 35.23 -19.38 -1.41
CA MET B 150 34.93 -18.27 -0.52
C MET B 150 35.52 -18.41 0.87
N GLU B 151 36.24 -17.39 1.33
CA GLU B 151 36.84 -17.42 2.67
C GLU B 151 35.78 -17.64 3.74
N TYR B 152 36.16 -18.26 4.85
CA TYR B 152 35.17 -18.48 5.89
C TYR B 152 35.77 -18.88 7.23
N GLU B 153 34.89 -19.22 8.17
CA GLU B 153 35.29 -19.63 9.50
C GLU B 153 34.13 -20.42 10.09
N ILE B 154 34.43 -21.48 10.84
CA ILE B 154 33.37 -22.31 11.42
C ILE B 154 32.97 -21.78 12.78
N LEU B 155 31.68 -21.88 13.09
CA LEU B 155 31.17 -21.43 14.40
C LEU B 155 30.82 -22.68 15.19
N GLU B 156 31.23 -22.72 16.46
CA GLU B 156 30.94 -23.87 17.28
C GLU B 156 29.51 -23.81 17.81
N TRP B 157 28.95 -22.60 17.86
CA TRP B 157 27.57 -22.42 18.31
C TRP B 157 26.64 -22.32 17.10
N LYS B 158 25.38 -22.66 17.28
CA LYS B 158 24.45 -22.60 16.17
C LYS B 158 23.87 -21.19 16.01
N PRO B 159 24.25 -20.48 14.93
CA PRO B 159 23.72 -19.13 14.73
C PRO B 159 22.21 -19.27 14.56
N LYS B 160 21.44 -18.35 15.10
CA LYS B 160 19.99 -18.43 15.04
C LYS B 160 19.35 -17.92 13.75
N LEU B 161 18.08 -18.32 13.55
CA LEU B 161 17.32 -17.90 12.38
C LEU B 161 16.75 -16.52 12.69
N HIS B 162 16.70 -15.65 11.69
CA HIS B 162 16.21 -14.27 11.87
C HIS B 162 14.86 -14.14 12.57
N VAL B 163 14.00 -15.12 12.40
CA VAL B 163 12.69 -15.09 13.01
C VAL B 163 12.82 -15.09 14.53
N ASP B 164 13.79 -15.86 15.03
CA ASP B 164 14.02 -15.98 16.46
C ASP B 164 14.67 -14.72 16.95
N LEU B 165 15.68 -14.27 16.20
CA LEU B 165 16.36 -13.06 16.59
C LEU B 165 15.36 -11.94 16.74
N LEU B 166 14.44 -11.83 15.77
CA LEU B 166 13.41 -10.79 15.83
C LEU B 166 12.65 -10.84 17.15
N GLU B 167 12.44 -12.06 17.66
CA GLU B 167 11.73 -12.24 18.92
C GLU B 167 12.56 -11.84 20.13
N ILE B 168 13.80 -12.30 20.19
CA ILE B 168 14.65 -11.96 21.32
C ILE B 168 15.04 -10.51 21.29
N LEU B 169 15.00 -9.91 20.11
CA LEU B 169 15.36 -8.50 19.93
C LEU B 169 14.17 -7.55 20.14
N GLY B 170 12.96 -8.10 20.21
CA GLY B 170 11.77 -7.29 20.39
C GLY B 170 11.43 -6.41 19.19
N GLY B 171 11.74 -6.87 17.98
CA GLY B 171 11.49 -6.08 16.79
C GLY B 171 10.36 -6.51 15.89
N ALA B 172 9.48 -7.37 16.35
CA ALA B 172 8.36 -7.83 15.52
C ALA B 172 7.29 -8.60 16.31
N ASP B 173 6.06 -8.58 15.81
CA ASP B 173 4.96 -9.32 16.42
C ASP B 173 4.26 -10.01 15.26
N PHE B 174 4.33 -11.35 15.21
CA PHE B 174 3.70 -12.06 14.11
C PHE B 174 2.30 -12.55 14.43
N ALA B 175 2.14 -12.99 15.67
CA ALA B 175 0.85 -13.49 16.12
C ALA B 175 -0.28 -12.47 15.90
N ARG B 176 -0.06 -11.24 16.35
CA ARG B 176 -1.09 -10.23 16.18
C ARG B 176 -1.35 -9.86 14.73
N ALA B 177 -0.30 -9.86 13.91
CA ALA B 177 -0.48 -9.55 12.50
C ALA B 177 -1.37 -10.64 11.88
N ALA B 178 -1.21 -11.88 12.34
CA ALA B 178 -2.02 -12.96 11.80
C ALA B 178 -3.49 -12.78 12.22
N LYS B 179 -3.70 -12.24 13.42
CA LYS B 179 -5.04 -12.01 13.93
C LYS B 179 -5.70 -10.94 13.06
N VAL B 180 -4.96 -9.87 12.91
CA VAL B 180 -5.35 -8.68 12.20
C VAL B 180 -5.46 -8.73 10.68
N SER B 181 -4.56 -9.47 10.02
CA SER B 181 -4.54 -9.52 8.56
C SER B 181 -4.46 -10.92 7.97
N GLY B 182 -3.88 -11.84 8.70
CA GLY B 182 -3.72 -13.19 8.20
C GLY B 182 -2.25 -13.50 8.26
N SER B 183 -1.86 -14.64 7.69
CA SER B 183 -0.47 -15.02 7.74
C SER B 183 0.37 -14.25 6.72
N ARG B 184 1.67 -14.36 6.90
CA ARG B 184 2.67 -13.70 6.09
C ARG B 184 2.54 -12.18 6.06
N PHE B 185 2.04 -11.65 7.18
CA PHE B 185 1.91 -10.22 7.45
C PHE B 185 2.68 -10.07 8.77
N TYR B 186 2.97 -8.85 9.17
CA TYR B 186 3.74 -8.71 10.39
C TYR B 186 3.70 -7.29 10.88
N TYR B 187 4.17 -7.10 12.11
CA TYR B 187 4.29 -5.79 12.70
C TYR B 187 5.77 -5.73 13.00
N LEU B 188 6.45 -4.70 12.49
CA LEU B 188 7.86 -4.52 12.81
C LEU B 188 7.85 -3.54 14.00
N LEU B 189 8.72 -3.76 14.97
CA LEU B 189 8.74 -2.88 16.16
C LEU B 189 10.12 -2.37 16.55
N ASN B 190 10.12 -1.29 17.31
CA ASN B 190 11.33 -0.67 17.84
C ASN B 190 12.49 -0.49 16.86
N GLU B 191 13.71 -0.79 17.27
CA GLU B 191 14.86 -0.57 16.39
C GLU B 191 14.80 -1.26 15.04
N ILE B 192 13.90 -2.23 14.85
CA ILE B 192 13.82 -2.86 13.55
C ILE B 192 13.11 -1.91 12.58
N VAL B 193 12.25 -1.06 13.14
CA VAL B 193 11.52 -0.06 12.36
C VAL B 193 12.49 1.00 11.84
N ILE B 194 13.40 1.42 12.72
CA ILE B 194 14.39 2.41 12.35
C ILE B 194 15.38 1.82 11.36
N LEU B 195 15.75 0.56 11.58
CA LEU B 195 16.68 -0.10 10.68
C LEU B 195 16.03 -0.20 9.30
N ASP B 196 14.74 -0.51 9.28
CA ASP B 196 14.03 -0.60 8.03
C ASP B 196 14.11 0.74 7.27
N LEU B 197 13.77 1.84 7.94
CA LEU B 197 13.83 3.12 7.24
C LEU B 197 15.27 3.49 6.86
N ALA B 198 16.21 3.20 7.76
CA ALA B 198 17.61 3.50 7.52
C ALA B 198 18.14 2.79 6.27
N LEU B 199 17.64 1.61 5.97
CA LEU B 199 18.10 0.89 4.78
C LEU B 199 17.58 1.57 3.51
N ILE B 200 16.34 2.05 3.55
CA ILE B 200 15.76 2.74 2.41
C ILE B 200 16.58 3.98 2.15
N ARG B 201 16.83 4.76 3.20
CA ARG B 201 17.58 5.99 3.02
C ARG B 201 19.01 5.76 2.58
N PHE B 202 19.64 4.72 3.12
CA PHE B 202 21.00 4.42 2.71
C PHE B 202 21.02 4.12 1.20
N ALA B 203 20.12 3.26 0.72
CA ALA B 203 20.08 2.91 -0.70
C ALA B 203 19.83 4.15 -1.56
N LEU B 204 18.85 4.97 -1.14
CA LEU B 204 18.54 6.20 -1.86
C LEU B 204 19.78 7.09 -2.01
N ASP B 205 20.50 7.34 -0.93
CA ASP B 205 21.67 8.20 -1.02
C ASP B 205 22.73 7.65 -1.99
N ARG B 206 23.06 6.37 -1.85
CA ARG B 206 24.06 5.86 -2.75
C ARG B 206 23.62 5.98 -4.19
N LEU B 207 22.37 5.63 -4.50
CA LEU B 207 21.93 5.72 -5.89
C LEU B 207 21.84 7.16 -6.40
N ILE B 208 21.47 8.09 -5.50
CA ILE B 208 21.41 9.51 -5.86
C ILE B 208 22.84 9.98 -6.19
N GLU B 209 23.82 9.61 -5.37
CA GLU B 209 25.21 9.98 -5.64
C GLU B 209 25.60 9.50 -7.03
N LYS B 210 25.05 8.36 -7.47
CA LYS B 210 25.41 7.86 -8.79
C LYS B 210 24.54 8.49 -9.87
N GLY B 211 23.80 9.52 -9.47
CA GLY B 211 22.98 10.27 -10.40
C GLY B 211 21.63 9.75 -10.83
N PHE B 212 21.02 8.90 -10.01
CA PHE B 212 19.70 8.40 -10.35
C PHE B 212 18.74 9.45 -9.77
N THR B 213 17.65 9.77 -10.45
CA THR B 213 16.74 10.73 -9.85
C THR B 213 15.77 9.90 -8.98
N PRO B 214 15.68 10.24 -7.69
CA PRO B 214 14.79 9.53 -6.76
C PRO B 214 13.31 9.79 -6.99
N VAL B 215 12.51 8.73 -6.87
CA VAL B 215 11.09 8.87 -7.05
C VAL B 215 10.23 8.00 -6.16
N ILE B 216 9.08 8.54 -5.78
CA ILE B 216 8.08 7.85 -5.00
C ILE B 216 6.93 7.79 -5.98
N PRO B 217 6.59 6.60 -6.46
CA PRO B 217 5.51 6.41 -7.43
C PRO B 217 4.17 6.04 -6.83
N PRO B 218 3.20 5.79 -7.70
CA PRO B 218 1.87 5.40 -7.25
C PRO B 218 1.99 3.96 -6.79
N TYR B 219 1.30 3.60 -5.72
CA TYR B 219 1.37 2.23 -5.22
C TYR B 219 0.31 1.36 -5.88
N MET B 220 -0.59 2.02 -6.62
CA MET B 220 -1.69 1.38 -7.36
C MET B 220 -1.63 1.85 -8.80
N VAL B 221 -1.72 0.92 -9.74
CA VAL B 221 -1.67 1.28 -11.16
C VAL B 221 -2.77 0.60 -11.96
N ARG B 222 -2.98 1.11 -13.17
CA ARG B 222 -3.98 0.57 -14.07
C ARG B 222 -3.47 -0.76 -14.64
N ARG B 223 -4.40 -1.64 -14.98
CA ARG B 223 -4.01 -2.92 -15.52
C ARG B 223 -2.96 -2.86 -16.62
N PHE B 224 -3.06 -1.90 -17.53
CA PHE B 224 -2.08 -1.89 -18.61
C PHE B 224 -0.63 -1.76 -18.15
N VAL B 225 -0.35 -0.97 -17.13
CA VAL B 225 1.06 -0.90 -16.76
C VAL B 225 1.52 -2.24 -16.23
N GLU B 226 0.62 -2.99 -15.60
CA GLU B 226 1.00 -4.30 -15.13
C GLU B 226 1.26 -5.23 -16.32
N GLU B 227 0.32 -5.27 -17.26
CA GLU B 227 0.45 -6.12 -18.44
C GLU B 227 1.67 -5.71 -19.29
N GLY B 228 2.13 -4.49 -19.07
CA GLY B 228 3.29 -3.99 -19.80
C GLY B 228 4.61 -4.29 -19.13
N SER B 229 4.59 -4.66 -17.85
CA SER B 229 5.82 -4.94 -17.12
C SER B 229 6.17 -6.42 -16.90
N THR B 230 5.17 -7.29 -16.89
CA THR B 230 5.37 -8.74 -16.71
C THR B 230 4.43 -9.52 -17.58
N SER B 231 4.53 -10.85 -17.42
CA SER B 231 3.71 -11.80 -18.13
C SER B 231 2.37 -11.88 -17.39
N PHE B 232 1.32 -12.22 -18.13
CA PHE B 232 -0.03 -12.30 -17.59
C PHE B 232 -0.17 -13.27 -16.43
N GLU B 233 0.71 -14.26 -16.40
CA GLU B 233 0.71 -15.26 -15.34
C GLU B 233 0.68 -14.55 -13.97
N ASP B 234 1.45 -13.45 -13.83
CA ASP B 234 1.55 -12.70 -12.59
C ASP B 234 0.22 -12.23 -11.97
N PHE B 235 -0.79 -11.99 -12.79
CA PHE B 235 -2.08 -11.56 -12.28
C PHE B 235 -2.73 -12.61 -11.37
N GLU B 236 -2.41 -13.87 -11.61
CA GLU B 236 -2.96 -14.95 -10.84
C GLU B 236 -2.09 -15.20 -9.61
N ASP B 237 -0.78 -15.28 -9.81
CA ASP B 237 0.14 -15.56 -8.72
C ASP B 237 0.62 -14.40 -7.84
N VAL B 238 0.80 -13.22 -8.41
CA VAL B 238 1.36 -12.15 -7.60
C VAL B 238 0.58 -10.87 -7.33
N ILE B 239 0.01 -10.27 -8.37
CA ILE B 239 -0.69 -8.99 -8.25
C ILE B 239 -2.10 -8.95 -7.64
N TYR B 240 -2.26 -8.12 -6.63
CA TYR B 240 -3.55 -7.88 -5.95
C TYR B 240 -4.32 -6.86 -6.76
N LYS B 241 -5.58 -7.12 -7.07
CA LYS B 241 -6.37 -6.16 -7.81
C LYS B 241 -7.38 -5.55 -6.85
N VAL B 242 -7.61 -4.24 -6.94
CA VAL B 242 -8.59 -3.64 -6.03
C VAL B 242 -10.00 -3.82 -6.60
N GLU B 243 -10.95 -4.11 -5.71
CA GLU B 243 -12.34 -4.32 -6.10
C GLU B 243 -12.95 -3.12 -6.82
N ASP B 244 -13.77 -3.41 -7.83
CA ASP B 244 -14.48 -2.40 -8.61
C ASP B 244 -13.66 -1.26 -9.18
N GLU B 245 -12.36 -1.47 -9.39
CA GLU B 245 -11.53 -0.40 -9.90
C GLU B 245 -10.46 -0.96 -10.81
N ASP B 246 -10.10 -0.20 -11.84
CA ASP B 246 -9.04 -0.62 -12.70
C ASP B 246 -7.77 -0.15 -11.98
N LEU B 247 -7.52 -0.76 -10.83
CA LEU B 247 -6.34 -0.46 -10.03
C LEU B 247 -5.73 -1.75 -9.48
N TYR B 248 -4.40 -1.77 -9.50
CA TYR B 248 -3.64 -2.91 -9.02
C TYR B 248 -2.52 -2.48 -8.10
N LEU B 249 -2.43 -3.13 -6.95
CA LEU B 249 -1.39 -2.84 -5.98
C LEU B 249 -0.08 -3.26 -6.62
N ILE B 250 0.91 -2.39 -6.61
CA ILE B 250 2.19 -2.71 -7.24
C ILE B 250 3.08 -3.68 -6.44
N PRO B 251 3.68 -4.66 -7.11
CA PRO B 251 4.57 -5.63 -6.48
C PRO B 251 6.00 -5.11 -6.45
N THR B 252 6.22 -3.92 -6.98
CA THR B 252 7.57 -3.36 -7.05
C THR B 252 7.58 -1.98 -7.73
N ALA B 253 8.46 -1.08 -7.27
CA ALA B 253 8.55 0.25 -7.89
C ALA B 253 8.86 0.12 -9.37
N GLU B 254 9.45 -1.01 -9.74
CA GLU B 254 9.79 -1.24 -11.14
C GLU B 254 8.62 -1.02 -12.12
N HIS B 255 7.42 -1.48 -11.75
CA HIS B 255 6.28 -1.32 -12.65
C HIS B 255 5.85 0.11 -12.94
N PRO B 256 5.50 0.91 -11.93
CA PRO B 256 5.10 2.27 -12.26
C PRO B 256 6.26 3.03 -12.86
N LEU B 257 7.47 2.57 -12.56
CA LEU B 257 8.67 3.20 -13.09
C LEU B 257 8.71 2.98 -14.60
N ALA B 258 8.33 1.78 -15.02
CA ALA B 258 8.26 1.45 -16.45
C ALA B 258 7.06 2.14 -17.08
N GLY B 259 5.96 2.24 -16.33
CA GLY B 259 4.77 2.85 -16.87
C GLY B 259 4.93 4.35 -17.03
N MET B 260 5.78 4.94 -16.19
CA MET B 260 5.99 6.39 -16.21
C MET B 260 6.18 6.99 -17.62
N HIS B 261 6.87 6.30 -18.52
CA HIS B 261 7.08 6.81 -19.86
C HIS B 261 6.35 6.03 -20.95
N ALA B 262 5.35 5.25 -20.58
CA ALA B 262 4.58 4.51 -21.58
C ALA B 262 4.08 5.51 -22.64
N ASN B 263 3.99 5.08 -23.89
CA ASN B 263 3.54 5.93 -24.99
C ASN B 263 4.29 7.21 -25.17
N GLU B 264 5.60 7.17 -25.13
CA GLU B 264 6.34 8.38 -25.36
C GLU B 264 7.46 8.09 -26.35
N ILE B 265 8.03 9.17 -26.88
CA ILE B 265 9.16 9.06 -27.77
C ILE B 265 10.17 9.95 -27.08
N LEU B 266 11.02 9.33 -26.27
CA LEU B 266 12.02 10.10 -25.54
C LEU B 266 12.97 10.74 -26.51
N ASP B 267 13.75 11.70 -26.01
CA ASP B 267 14.74 12.33 -26.86
C ASP B 267 16.06 11.62 -26.58
N GLY B 268 16.57 10.91 -27.58
CA GLY B 268 17.83 10.19 -27.43
C GLY B 268 18.86 10.94 -26.61
N LYS B 269 18.86 12.26 -26.76
CA LYS B 269 19.79 13.11 -26.04
C LYS B 269 19.68 12.91 -24.54
N ASP B 270 18.48 12.62 -24.04
CA ASP B 270 18.29 12.43 -22.61
C ASP B 270 18.70 11.03 -22.11
N LEU B 271 18.71 10.04 -23.00
CA LEU B 271 19.09 8.69 -22.60
C LEU B 271 20.51 8.69 -22.05
N PRO B 272 20.79 7.93 -20.98
CA PRO B 272 19.90 7.04 -20.22
C PRO B 272 19.09 7.72 -19.14
N LEU B 273 17.87 7.26 -18.94
CA LEU B 273 17.05 7.80 -17.87
C LEU B 273 17.36 6.87 -16.70
N LEU B 274 17.79 7.46 -15.59
CA LEU B 274 18.12 6.72 -14.39
C LEU B 274 17.16 7.04 -13.25
N TYR B 275 16.38 6.06 -12.83
CA TYR B 275 15.46 6.30 -11.74
C TYR B 275 15.72 5.33 -10.60
N VAL B 276 15.59 5.84 -9.38
CA VAL B 276 15.73 4.99 -8.20
C VAL B 276 14.45 5.18 -7.41
N GLY B 277 13.53 4.23 -7.53
CA GLY B 277 12.26 4.35 -6.82
C GLY B 277 12.22 3.70 -5.45
N VAL B 278 11.33 4.20 -4.60
CA VAL B 278 11.13 3.65 -3.26
C VAL B 278 9.65 3.36 -3.15
N SER B 279 9.28 2.28 -2.47
CA SER B 279 7.86 2.00 -2.31
C SER B 279 7.57 0.71 -1.59
N PRO B 280 6.33 0.58 -1.10
CA PRO B 280 6.05 -0.70 -0.45
C PRO B 280 5.73 -1.61 -1.63
N CYS B 281 5.74 -2.91 -1.40
CA CYS B 281 5.48 -3.90 -2.41
C CYS B 281 4.49 -4.90 -1.89
N PHE B 282 3.60 -5.35 -2.75
CA PHE B 282 2.60 -6.30 -2.34
C PHE B 282 2.59 -7.49 -3.27
N ARG B 283 2.67 -8.68 -2.68
CA ARG B 283 2.70 -9.93 -3.43
C ARG B 283 1.72 -10.94 -2.83
N LYS B 284 0.99 -11.62 -3.71
CA LYS B 284 0.04 -12.63 -3.28
C LYS B 284 0.82 -13.84 -2.81
N GLU B 285 1.90 -14.17 -3.53
CA GLU B 285 2.74 -15.33 -3.20
C GLU B 285 1.85 -16.58 -3.18
N ALA B 286 1.04 -16.72 -4.23
CA ALA B 286 0.07 -17.81 -4.40
C ALA B 286 0.62 -19.24 -4.33
N GLY B 287 1.71 -19.51 -5.02
CA GLY B 287 2.31 -20.84 -5.00
C GLY B 287 2.60 -21.37 -3.61
N THR B 288 2.35 -20.54 -2.59
CA THR B 288 2.57 -20.90 -1.19
C THR B 288 1.37 -20.54 -0.31
N ALA B 289 1.51 -20.83 0.99
CA ALA B 289 0.51 -20.58 2.01
C ALA B 289 1.19 -21.11 3.27
N GLY B 290 2.43 -21.55 3.04
CA GLY B 290 3.29 -22.13 4.05
C GLY B 290 4.35 -22.91 3.29
N LYS B 291 5.62 -22.58 3.53
CA LYS B 291 6.72 -23.26 2.85
C LYS B 291 7.80 -23.61 3.87
N ASP B 292 8.61 -22.63 4.27
CA ASP B 292 9.69 -22.86 5.25
C ASP B 292 10.00 -21.68 6.17
N THR B 293 10.67 -20.65 5.65
CA THR B 293 11.04 -19.46 6.44
C THR B 293 9.79 -18.68 6.85
N LYS B 294 9.52 -18.58 8.16
CA LYS B 294 8.31 -17.89 8.67
C LYS B 294 8.46 -16.49 9.27
N GLY B 295 9.48 -15.75 8.83
CA GLY B 295 9.69 -14.39 9.32
C GLY B 295 9.22 -13.31 8.36
N ILE B 296 10.15 -12.56 7.81
CA ILE B 296 9.87 -11.48 6.86
C ILE B 296 10.71 -11.68 5.62
N PHE B 297 10.99 -12.94 5.30
CA PHE B 297 11.78 -13.29 4.13
C PHE B 297 10.90 -13.46 2.89
N ARG B 298 9.68 -13.96 3.09
CA ARG B 298 8.73 -14.14 2.01
C ARG B 298 7.37 -13.74 2.58
N VAL B 299 7.04 -12.47 2.42
CA VAL B 299 5.80 -11.93 2.97
C VAL B 299 4.94 -11.23 1.93
N HIS B 300 3.76 -10.77 2.37
CA HIS B 300 2.83 -10.10 1.48
C HIS B 300 3.15 -8.64 1.25
N GLN B 301 3.98 -8.07 2.12
CA GLN B 301 4.34 -6.68 1.95
C GLN B 301 5.73 -6.41 2.49
N PHE B 302 6.47 -5.60 1.76
CA PHE B 302 7.81 -5.24 2.18
C PHE B 302 8.17 -3.98 1.44
N HIS B 303 9.21 -3.30 1.92
CA HIS B 303 9.67 -2.09 1.30
C HIS B 303 10.85 -2.38 0.39
N LYS B 304 11.00 -1.62 -0.68
CA LYS B 304 12.13 -1.84 -1.56
C LYS B 304 12.52 -0.62 -2.39
N VAL B 305 13.82 -0.35 -2.41
CA VAL B 305 14.38 0.73 -3.22
C VAL B 305 14.82 0.02 -4.50
N GLU B 306 14.32 0.49 -5.63
CA GLU B 306 14.58 -0.13 -6.93
C GLU B 306 15.34 0.76 -7.92
N GLN B 307 16.20 0.15 -8.74
CA GLN B 307 16.93 0.89 -9.77
C GLN B 307 16.23 0.61 -11.08
N PHE B 308 15.97 1.65 -11.88
CA PHE B 308 15.31 1.43 -13.17
C PHE B 308 16.08 2.23 -14.19
N VAL B 309 16.31 1.65 -15.36
CA VAL B 309 17.08 2.33 -16.40
C VAL B 309 16.43 2.33 -17.77
N TYR B 310 16.29 3.53 -18.35
CA TYR B 310 15.76 3.67 -19.71
C TYR B 310 17.06 3.86 -20.47
N SER B 311 17.31 3.01 -21.46
CA SER B 311 18.57 3.06 -22.18
C SER B 311 18.54 2.82 -23.68
N ARG B 312 19.61 3.26 -24.35
CA ARG B 312 19.77 3.06 -25.80
C ARG B 312 20.10 1.56 -25.94
N PRO B 313 19.55 0.91 -26.97
CA PRO B 313 19.87 -0.52 -27.07
C PRO B 313 21.38 -0.83 -26.98
N GLU B 314 22.18 0.00 -27.61
CA GLU B 314 23.60 -0.27 -27.60
C GLU B 314 24.29 0.00 -26.27
N GLU B 315 23.52 0.38 -25.25
CA GLU B 315 24.12 0.66 -23.94
C GLU B 315 23.55 -0.25 -22.87
N SER B 316 22.46 -0.96 -23.21
CA SER B 316 21.81 -1.77 -22.19
C SER B 316 22.69 -2.78 -21.51
N TRP B 317 23.51 -3.52 -22.25
CA TRP B 317 24.33 -4.51 -21.57
C TRP B 317 25.36 -3.94 -20.62
N GLU B 318 25.94 -2.80 -20.98
CA GLU B 318 26.90 -2.18 -20.10
C GLU B 318 26.17 -1.75 -18.79
N TRP B 319 24.89 -1.41 -18.90
CA TRP B 319 24.09 -0.99 -17.74
C TRP B 319 23.66 -2.16 -16.84
N HIS B 320 23.43 -3.31 -17.45
CA HIS B 320 23.04 -4.48 -16.69
C HIS B 320 24.20 -4.74 -15.75
N GLU B 321 25.43 -4.56 -16.23
CA GLU B 321 26.57 -4.78 -15.37
C GLU B 321 26.75 -3.69 -14.30
N LYS B 322 26.43 -2.45 -14.63
CA LYS B 322 26.59 -1.38 -13.64
C LYS B 322 25.59 -1.48 -12.49
N ILE B 323 24.35 -1.89 -12.78
CA ILE B 323 23.38 -1.92 -11.71
C ILE B 323 23.53 -3.10 -10.74
N ILE B 324 23.88 -4.28 -11.25
CA ILE B 324 24.09 -5.41 -10.34
C ILE B 324 25.27 -4.99 -9.42
N ARG B 325 26.26 -4.31 -9.99
CA ARG B 325 27.37 -3.86 -9.17
C ARG B 325 26.95 -2.78 -8.16
N ASN B 326 26.01 -1.92 -8.51
CA ASN B 326 25.57 -0.93 -7.55
C ASN B 326 25.02 -1.68 -6.33
N ALA B 327 24.23 -2.72 -6.59
CA ALA B 327 23.67 -3.50 -5.50
C ALA B 327 24.78 -4.21 -4.72
N GLU B 328 25.77 -4.76 -5.42
CA GLU B 328 26.87 -5.46 -4.73
C GLU B 328 27.56 -4.51 -3.79
N GLU B 329 27.82 -3.31 -4.28
CA GLU B 329 28.47 -2.29 -3.50
C GLU B 329 27.70 -2.06 -2.18
N LEU B 330 26.38 -1.97 -2.25
CA LEU B 330 25.60 -1.74 -1.05
C LEU B 330 25.75 -2.86 -0.06
N PHE B 331 25.71 -4.10 -0.53
CA PHE B 331 25.82 -5.22 0.38
C PHE B 331 27.22 -5.39 0.93
N GLN B 332 28.23 -4.98 0.17
CA GLN B 332 29.58 -5.05 0.68
C GLN B 332 29.73 -4.06 1.84
N GLU B 333 29.20 -2.84 1.70
CA GLU B 333 29.29 -1.87 2.79
C GLU B 333 28.47 -2.36 3.96
N LEU B 334 27.42 -3.11 3.65
CA LEU B 334 26.55 -3.65 4.68
C LEU B 334 27.24 -4.84 5.32
N GLU B 335 28.38 -5.24 4.72
CA GLU B 335 29.18 -6.35 5.23
C GLU B 335 28.45 -7.69 5.26
N ILE B 336 27.78 -8.02 4.17
CA ILE B 336 27.04 -9.26 4.07
C ILE B 336 27.76 -10.14 3.06
N PRO B 337 28.22 -11.32 3.49
CA PRO B 337 28.92 -12.20 2.55
C PRO B 337 27.89 -12.63 1.50
N TYR B 338 28.33 -12.93 0.30
CA TYR B 338 27.37 -13.30 -0.72
C TYR B 338 28.04 -13.84 -1.95
N ARG B 339 27.21 -14.24 -2.90
CA ARG B 339 27.69 -14.74 -4.18
C ARG B 339 26.68 -14.18 -5.16
N VAL B 340 27.10 -14.00 -6.40
CA VAL B 340 26.21 -13.48 -7.40
C VAL B 340 26.08 -14.59 -8.42
N VAL B 341 24.85 -14.97 -8.70
CA VAL B 341 24.57 -16.04 -9.65
C VAL B 341 23.95 -15.57 -10.96
N ASN B 342 24.44 -16.13 -12.07
CA ASN B 342 23.89 -15.83 -13.38
C ASN B 342 22.72 -16.83 -13.52
N ILE B 343 21.52 -16.29 -13.65
CA ILE B 343 20.29 -17.08 -13.74
C ILE B 343 20.10 -17.84 -15.04
N CYS B 344 19.68 -19.10 -14.91
CA CYS B 344 19.47 -19.98 -16.05
C CYS B 344 18.07 -19.90 -16.61
N THR B 345 17.93 -20.39 -17.84
CA THR B 345 16.65 -20.41 -18.56
C THR B 345 15.42 -20.80 -17.74
N GLY B 346 15.56 -21.82 -16.91
CA GLY B 346 14.43 -22.29 -16.13
C GLY B 346 14.03 -21.45 -14.94
N ASP B 347 14.94 -20.60 -14.48
CA ASP B 347 14.60 -19.76 -13.34
C ASP B 347 14.67 -18.31 -13.82
N LEU B 348 14.72 -18.14 -15.13
CA LEU B 348 14.85 -16.81 -15.71
C LEU B 348 13.64 -15.92 -15.70
N GLY B 349 12.48 -16.43 -16.10
CA GLY B 349 11.31 -15.57 -16.12
C GLY B 349 11.04 -15.08 -17.53
N TYR B 350 9.85 -14.54 -17.73
CA TYR B 350 9.42 -14.06 -19.04
C TYR B 350 9.94 -12.74 -19.59
N VAL B 351 10.20 -11.77 -18.73
CA VAL B 351 10.62 -10.47 -19.23
C VAL B 351 12.12 -10.25 -19.38
N ALA B 352 12.95 -10.97 -18.63
CA ALA B 352 14.39 -10.74 -18.76
C ALA B 352 15.06 -11.48 -19.92
N ALA B 353 16.15 -10.90 -20.41
CA ALA B 353 16.94 -11.49 -21.49
C ALA B 353 18.14 -12.17 -20.82
N LYS B 354 18.54 -11.62 -19.67
CA LYS B 354 19.61 -12.17 -18.84
C LYS B 354 19.39 -11.64 -17.43
N LYS B 355 19.85 -12.36 -16.41
CA LYS B 355 19.62 -11.91 -15.05
C LYS B 355 20.65 -12.33 -14.01
N TYR B 356 21.03 -11.42 -13.13
CA TYR B 356 21.96 -11.74 -12.06
C TYR B 356 21.24 -11.56 -10.75
N ASP B 357 21.52 -12.45 -9.80
CA ASP B 357 20.94 -12.37 -8.47
C ASP B 357 22.06 -12.31 -7.47
N ILE B 358 21.85 -11.62 -6.36
CA ILE B 358 22.85 -11.59 -5.32
C ILE B 358 22.23 -12.43 -4.22
N GLU B 359 22.87 -13.55 -3.89
CA GLU B 359 22.39 -14.41 -2.83
C GLU B 359 23.30 -14.23 -1.62
N ALA B 360 22.69 -13.74 -0.56
CA ALA B 360 23.39 -13.50 0.69
C ALA B 360 23.56 -14.80 1.46
N TRP B 361 24.74 -14.97 2.05
CA TRP B 361 24.99 -16.14 2.87
C TRP B 361 24.16 -15.88 4.11
N MET B 362 23.38 -16.88 4.52
CA MET B 362 22.53 -16.77 5.71
C MET B 362 22.98 -17.77 6.79
N PRO B 363 23.81 -17.29 7.74
CA PRO B 363 24.36 -18.07 8.84
C PRO B 363 23.38 -19.00 9.56
N GLY B 364 22.22 -18.47 9.93
CA GLY B 364 21.23 -19.29 10.61
C GLY B 364 20.64 -20.39 9.73
N GLN B 365 20.27 -20.02 8.51
CA GLN B 365 19.67 -20.95 7.56
C GLN B 365 20.66 -21.95 7.01
N GLY B 366 21.93 -21.55 6.98
CA GLY B 366 22.94 -22.42 6.45
C GLY B 366 22.98 -22.40 4.94
N LYS B 367 22.38 -21.40 4.31
CA LYS B 367 22.42 -21.36 2.85
C LYS B 367 22.41 -19.96 2.29
N PHE B 368 22.64 -19.86 0.98
CA PHE B 368 22.62 -18.59 0.27
C PHE B 368 21.18 -18.33 -0.16
N ARG B 369 20.67 -17.12 0.09
CA ARG B 369 19.30 -16.78 -0.31
C ARG B 369 19.27 -15.51 -1.15
N GLU B 370 18.35 -15.46 -2.12
CA GLU B 370 18.23 -14.27 -2.97
C GLU B 370 17.87 -13.05 -2.13
N VAL B 371 18.64 -11.99 -2.32
CA VAL B 371 18.45 -10.77 -1.57
C VAL B 371 18.24 -9.56 -2.54
N VAL B 372 18.76 -9.70 -3.77
CA VAL B 372 18.62 -8.70 -4.82
C VAL B 372 18.67 -9.42 -6.18
N SER B 373 17.99 -8.86 -7.18
CA SER B 373 17.97 -9.42 -8.53
C SER B 373 18.01 -8.27 -9.57
N ALA B 374 18.75 -8.49 -10.66
CA ALA B 374 18.90 -7.47 -11.69
C ALA B 374 18.70 -8.03 -13.11
N SER B 375 17.91 -7.34 -13.92
CA SER B 375 17.63 -7.81 -15.27
C SER B 375 17.81 -6.79 -16.36
N ASN B 376 18.02 -7.29 -17.58
CA ASN B 376 18.05 -6.45 -18.76
C ASN B 376 16.83 -7.03 -19.50
N CYS B 377 15.86 -6.16 -19.77
CA CYS B 377 14.64 -6.62 -20.44
C CYS B 377 14.69 -6.25 -21.90
N THR B 378 15.81 -5.68 -22.32
CA THR B 378 15.97 -5.24 -23.69
C THR B 378 14.73 -4.46 -24.10
N ASP B 379 14.04 -4.91 -25.14
CA ASP B 379 12.86 -4.21 -25.63
C ASP B 379 11.51 -4.86 -25.36
N TRP B 380 11.51 -5.87 -24.48
CA TRP B 380 10.26 -6.59 -24.14
C TRP B 380 9.22 -5.64 -23.53
N GLN B 381 9.57 -4.95 -22.44
CA GLN B 381 8.62 -4.02 -21.86
C GLN B 381 8.43 -2.86 -22.82
N ALA B 382 9.52 -2.39 -23.41
CA ALA B 382 9.43 -1.27 -24.34
C ALA B 382 8.38 -1.49 -25.43
N ARG B 383 8.34 -2.70 -26.00
CA ARG B 383 7.37 -2.96 -27.04
C ARG B 383 5.94 -2.96 -26.51
N ARG B 384 5.75 -3.39 -25.28
CA ARG B 384 4.42 -3.46 -24.69
C ARG B 384 3.91 -2.09 -24.26
N LEU B 385 4.74 -1.31 -23.58
CA LEU B 385 4.35 0.02 -23.11
C LEU B 385 4.51 1.10 -24.19
N ASN B 386 5.03 0.70 -25.36
CA ASN B 386 5.22 1.64 -26.47
C ASN B 386 6.17 2.81 -26.10
N ILE B 387 7.37 2.45 -25.63
CA ILE B 387 8.40 3.40 -25.22
C ILE B 387 9.52 3.43 -26.26
N ARG B 388 9.62 4.56 -26.98
CA ARG B 388 10.64 4.71 -28.02
C ARG B 388 11.47 5.99 -27.86
N PHE B 389 12.47 6.14 -28.71
CA PHE B 389 13.32 7.34 -28.67
C PHE B 389 13.80 7.64 -30.07
N ARG B 390 14.29 8.85 -30.26
CA ARG B 390 14.81 9.26 -31.56
C ARG B 390 15.86 10.31 -31.26
N ASP B 391 16.93 10.34 -32.05
CA ASP B 391 17.97 11.33 -31.82
C ASP B 391 17.68 12.58 -32.66
N ARG B 392 17.06 12.36 -33.82
CA ARG B 392 16.69 13.43 -34.72
C ARG B 392 15.19 13.32 -35.00
N THR B 393 14.51 14.44 -35.10
CA THR B 393 13.07 14.44 -35.35
C THR B 393 12.71 13.80 -36.69
N ASP B 394 13.71 13.64 -37.55
CA ASP B 394 13.57 13.04 -38.88
C ASP B 394 13.32 11.53 -38.77
N GLU B 395 14.33 10.84 -38.24
CA GLU B 395 14.37 9.38 -38.08
C GLU B 395 13.21 8.69 -37.40
N LYS B 396 13.03 7.44 -37.81
CA LYS B 396 11.98 6.60 -37.28
C LYS B 396 12.33 6.29 -35.85
N PRO B 397 11.36 6.38 -34.94
CA PRO B 397 11.67 6.09 -33.54
C PRO B 397 11.87 4.61 -33.35
N ARG B 398 12.78 4.23 -32.46
CA ARG B 398 12.98 2.83 -32.17
C ARG B 398 12.83 2.59 -30.67
N TYR B 399 12.59 1.34 -30.30
CA TYR B 399 12.40 0.99 -28.91
C TYR B 399 13.62 1.08 -28.05
N VAL B 400 13.42 1.53 -26.80
CA VAL B 400 14.52 1.62 -25.86
C VAL B 400 14.63 0.25 -25.19
N HIS B 401 15.63 0.09 -24.35
CA HIS B 401 15.75 -1.13 -23.58
C HIS B 401 15.49 -0.71 -22.17
N THR B 402 14.99 -1.62 -21.35
CA THR B 402 14.77 -1.26 -19.97
C THR B 402 15.50 -2.27 -19.11
N LEU B 403 15.95 -1.80 -17.97
CA LEU B 403 16.61 -2.67 -17.04
C LEU B 403 16.12 -2.26 -15.67
N ASN B 404 16.08 -3.23 -14.76
CA ASN B 404 15.66 -2.97 -13.41
C ASN B 404 16.58 -3.81 -12.52
N SER B 405 16.73 -3.42 -11.26
CA SER B 405 17.56 -4.13 -10.31
C SER B 405 17.31 -3.65 -8.90
N THR B 406 17.32 -4.57 -7.96
CA THR B 406 17.11 -4.20 -6.58
C THR B 406 18.29 -3.35 -6.11
N ALA B 407 18.03 -2.48 -5.15
CA ALA B 407 19.08 -1.66 -4.54
C ALA B 407 19.11 -2.40 -3.19
N ILE B 408 18.02 -2.28 -2.45
CA ILE B 408 17.90 -3.00 -1.19
C ILE B 408 16.43 -3.22 -0.95
N ALA B 409 16.06 -4.46 -0.67
CA ALA B 409 14.68 -4.79 -0.32
C ALA B 409 14.92 -4.94 1.16
N THR B 410 14.36 -4.04 1.97
CA THR B 410 14.57 -4.06 3.43
C THR B 410 14.32 -5.39 4.12
N SER B 411 13.24 -6.05 3.78
CA SER B 411 12.92 -7.34 4.38
C SER B 411 14.12 -8.29 4.43
N ARG B 412 14.58 -8.73 3.26
CA ARG B 412 15.69 -9.65 3.19
C ARG B 412 17.03 -9.07 3.62
N ALA B 413 17.16 -7.76 3.53
CA ALA B 413 18.39 -7.11 3.97
C ALA B 413 18.41 -7.18 5.49
N ILE B 414 17.24 -7.10 6.11
CA ILE B 414 17.16 -7.16 7.56
C ILE B 414 17.46 -8.58 8.02
N VAL B 415 17.01 -9.60 7.28
CA VAL B 415 17.32 -10.96 7.71
C VAL B 415 18.84 -11.17 7.56
N ALA B 416 19.40 -10.70 6.44
CA ALA B 416 20.83 -10.84 6.23
C ALA B 416 21.63 -10.15 7.35
N ILE B 417 21.20 -8.96 7.74
CA ILE B 417 21.91 -8.27 8.79
C ILE B 417 21.76 -8.99 10.12
N LEU B 418 20.53 -9.42 10.44
CA LEU B 418 20.31 -10.13 11.70
C LEU B 418 21.13 -11.41 11.80
N GLU B 419 21.05 -12.25 10.77
CA GLU B 419 21.77 -13.51 10.78
C GLU B 419 23.30 -13.44 10.65
N ASN B 420 23.81 -12.52 9.83
CA ASN B 420 25.27 -12.40 9.64
C ASN B 420 25.96 -11.55 10.70
N HIS B 421 25.18 -10.85 11.50
CA HIS B 421 25.77 -9.97 12.50
C HIS B 421 25.35 -10.27 13.92
N GLN B 422 24.74 -11.44 14.13
CA GLN B 422 24.36 -11.79 15.48
C GLN B 422 25.61 -12.25 16.21
N GLU B 423 25.51 -12.28 17.54
CA GLU B 423 26.59 -12.74 18.38
C GLU B 423 25.99 -13.90 19.17
N GLU B 424 26.84 -14.61 19.90
CA GLU B 424 26.37 -15.75 20.66
C GLU B 424 25.21 -15.39 21.56
N ASP B 425 25.29 -14.27 22.29
CA ASP B 425 24.20 -13.89 23.20
C ASP B 425 22.92 -13.45 22.52
N GLY B 426 22.97 -13.24 21.20
CA GLY B 426 21.81 -12.83 20.45
C GLY B 426 21.74 -11.36 20.05
N THR B 427 22.66 -10.53 20.52
CA THR B 427 22.57 -9.14 20.11
C THR B 427 23.10 -9.03 18.69
N VAL B 428 22.66 -8.01 17.97
CA VAL B 428 23.10 -7.84 16.61
C VAL B 428 23.82 -6.51 16.48
N ARG B 429 24.94 -6.52 15.79
CA ARG B 429 25.74 -5.32 15.58
C ARG B 429 25.38 -4.76 14.23
N ILE B 430 25.02 -3.48 14.19
CA ILE B 430 24.66 -2.84 12.94
C ILE B 430 25.93 -2.36 12.23
N PRO B 431 26.07 -2.67 10.94
CA PRO B 431 27.25 -2.24 10.18
C PRO B 431 27.47 -0.72 10.31
N LYS B 432 28.72 -0.29 10.40
CA LYS B 432 29.06 1.13 10.57
C LYS B 432 28.43 2.07 9.56
N VAL B 433 28.38 1.65 8.30
CA VAL B 433 27.84 2.51 7.25
C VAL B 433 26.42 2.99 7.54
N LEU B 434 25.75 2.30 8.47
CA LEU B 434 24.38 2.64 8.82
C LEU B 434 24.22 3.47 10.07
N TRP B 435 25.30 3.62 10.84
CA TRP B 435 25.25 4.39 12.08
C TRP B 435 24.71 5.80 11.89
N LYS B 436 25.16 6.47 10.84
CA LYS B 436 24.69 7.80 10.57
C LYS B 436 23.17 7.78 10.35
N TYR B 437 22.57 6.59 10.17
CA TYR B 437 21.13 6.53 9.94
C TYR B 437 20.34 5.95 11.10
N THR B 438 20.94 5.04 11.85
CA THR B 438 20.21 4.41 12.94
C THR B 438 20.47 5.03 14.30
N GLY B 439 21.60 5.71 14.43
CA GLY B 439 21.94 6.27 15.72
C GLY B 439 22.57 5.14 16.51
N PHE B 440 21.74 4.18 16.91
CA PHE B 440 22.24 3.02 17.66
C PHE B 440 23.23 2.16 16.88
N LYS B 441 24.26 1.68 17.57
CA LYS B 441 25.29 0.85 16.95
C LYS B 441 25.03 -0.66 17.00
N GLU B 442 24.01 -1.06 17.74
CA GLU B 442 23.65 -2.47 17.80
C GLU B 442 22.34 -2.64 18.55
N ILE B 443 21.71 -3.80 18.42
CA ILE B 443 20.44 -4.07 19.07
C ILE B 443 20.59 -5.24 20.02
N VAL B 444 20.36 -4.98 21.30
CA VAL B 444 20.52 -6.02 22.30
C VAL B 444 19.19 -6.61 22.72
N PRO B 445 19.22 -7.83 23.26
CA PRO B 445 18.02 -8.54 23.71
C PRO B 445 17.20 -7.81 24.78
N VAL B 446 16.00 -8.32 25.00
CA VAL B 446 15.08 -7.79 26.01
C VAL B 446 14.73 -8.96 26.93
N GLU B 447 14.02 -8.68 28.02
CA GLU B 447 13.61 -9.71 28.97
C GLU B 447 12.68 -10.75 28.34
P AMP C . -7.97 11.57 9.46
O1P AMP C . -8.01 12.29 10.75
O2P AMP C . -7.26 10.15 9.30
O3P AMP C . -9.05 11.86 8.27
O5' AMP C . -6.78 12.38 8.70
C5' AMP C . -5.64 12.85 9.42
C4' AMP C . -4.68 13.58 8.51
O4' AMP C . -4.29 12.74 7.40
C3' AMP C . -5.28 14.81 7.87
O3' AMP C . -5.24 15.90 8.78
C2' AMP C . -4.26 15.07 6.78
O2' AMP C . -3.07 15.62 7.35
C1' AMP C . -4.00 13.64 6.25
N9 AMP C . -4.94 13.30 5.15
C8 AMP C . -6.20 12.84 5.28
N7 AMP C . -6.71 12.62 4.07
C5 AMP C . -5.79 12.94 3.17
C6 AMP C . -5.74 12.92 1.78
N6 AMP C . -6.77 12.50 1.08
N1 AMP C . -4.61 13.32 1.15
C2 AMP C . -3.53 13.74 1.84
N3 AMP C . -3.56 13.76 3.18
C4 AMP C . -4.67 13.39 3.86
S SO4 D . -10.87 10.44 -8.42
O1 SO4 D . -10.65 9.15 -9.11
O2 SO4 D . -9.58 11.03 -8.04
O3 SO4 D . -11.58 11.37 -9.31
O4 SO4 D . -11.70 10.22 -7.22
S SO4 E . -10.21 22.07 -1.60
O1 SO4 E . -9.99 20.87 -2.44
O2 SO4 E . -9.08 23.00 -1.79
O3 SO4 E . -11.47 22.73 -1.98
O4 SO4 E . -10.30 21.64 -0.20
S SO4 F . -10.09 19.18 4.23
O1 SO4 F . -9.63 17.85 3.75
O2 SO4 F . -11.58 19.23 4.13
O3 SO4 F . -9.50 20.23 3.40
O4 SO4 F . -9.68 19.40 5.63
S SO4 G . 2.73 17.97 -14.32
O1 SO4 G . 1.33 18.10 -13.86
O2 SO4 G . 3.21 19.31 -14.73
O3 SO4 G . 2.79 17.02 -15.44
O4 SO4 G . 3.58 17.47 -13.22
P AMP H . 11.75 -9.56 -7.69
O1P AMP H . 12.70 -9.53 -8.84
O2P AMP H . 10.84 -10.89 -7.71
O3P AMP H . 10.75 -8.31 -7.71
O5' AMP H . 12.41 -9.55 -6.21
C5' AMP H . 13.49 -8.68 -5.85
C4' AMP H . 13.74 -8.77 -4.34
O4' AMP H . 12.56 -8.40 -3.59
C3' AMP H . 14.03 -10.19 -3.91
O3' AMP H . 15.39 -10.53 -4.21
C2' AMP H . 13.85 -10.05 -2.41
O2' AMP H . 14.96 -9.35 -1.82
C1' AMP H . 12.57 -9.17 -2.34
N9 AMP H . 11.33 -10.00 -2.30
C8 AMP H . 10.71 -10.56 -3.36
N7 AMP H . 9.57 -11.13 -2.95
C5 AMP H . 9.48 -10.95 -1.63
C6 AMP H . 8.54 -11.33 -0.66
N6 AMP H . 7.42 -11.97 -1.00
N1 AMP H . 8.77 -11.01 0.64
C2 AMP H . 9.86 -10.32 1.00
N3 AMP H . 10.76 -9.94 0.08
C4 AMP H . 10.59 -10.24 -1.22
S SO4 I . -1.04 -17.17 2.68
O1 SO4 I . 0.14 -16.96 3.55
O2 SO4 I . -1.54 -18.54 2.85
O3 SO4 I . -2.09 -16.21 3.09
O4 SO4 I . -0.66 -16.96 1.26
S SO4 J . 11.98 -21.13 1.70
O1 SO4 J . 12.32 -19.70 1.73
O2 SO4 J . 10.58 -21.29 2.14
O3 SO4 J . 12.89 -21.87 2.61
O4 SO4 J . 12.13 -21.67 0.33
S SO4 K . 13.20 -17.30 -3.20
O1 SO4 K . 13.06 -18.55 -3.97
O2 SO4 K . 11.91 -16.57 -3.16
O3 SO4 K . 14.24 -16.43 -3.80
O4 SO4 K . 13.63 -17.64 -1.83
#